data_1XI1
#
_entry.id   1XI1
#
_cell.length_a   60.557
_cell.length_b   170.563
_cell.length_c   68.813
_cell.angle_alpha   90.00
_cell.angle_beta   106.99
_cell.angle_gamma   90.00
#
_symmetry.space_group_name_H-M   'P 1 21 1'
#
loop_
_entity.id
_entity.type
_entity.pdbx_description
1 polymer "5'-D(P*TP*TP*TP*TP*T)-3'"
2 polymer 'DNA polymerase'
3 non-polymer 'MAGNESIUM ION'
4 water water
#
loop_
_entity_poly.entity_id
_entity_poly.type
_entity_poly.pdbx_seq_one_letter_code
_entity_poly.pdbx_strand_id
1 'polydeoxyribonucleotide' (DT)(DT)(DT)(DT)(DT) C,D
2 'polypeptide(L)'
;MKHMPRKMYSCAFETTTKVEDCRVWAYGYMNIEDHSEYKIGNSLDEFMAWVLKVQADLYFHNLKFAGAFIINWLERNGFK
WSADGLPNTYNTIISRMGQWYMIDICLGYKGKRKIHTVIYDSLKKLPFPVKKIAKDFKLTVLKGDIDYHKERPVGYKITP
EEYAYIKNDIQIIAEALLIQFKQGLDRMTAGSDSLKGFKDIITTKKFKKVFPTLSLGLDKEVRYAYRGGFTWLNDRFKEK
EIGEGMVFDVNSLYPAQMYSRLLPYGEPIVFEGKYVWDEDYPLHIQHIRCEFELKEGYIPTIQIKRSRFYKGNEYLKSSG
GEIADLWLSNVDLELMKEHYDLYNVEYISGLKFKATTGLFKDFIDKWTYIKTTSEGAIKQLAKLMLNSLYGKFASNPDVT
GKVPYLKENGALGFRLGEEETKDPVYTPMGVFITAWARYTTITAAQACYDRIIYCDTDSIHLTGTEIPDVIKDIVDPKKL
GYWAHESTFKRAKYLRQKTYIQDIYMKEVDGKLVEGSPDDYTDIKFSVKCAGMTDKIKKEVTFENFKVGFSRKMKPKPVQ
VPGGVVLVDDTFTIK
;
A,B
#
# COMPACT_ATOMS: atom_id res chain seq x y z
N PRO C 5 22.15 -19.10 42.01
CA PRO C 5 21.15 -18.06 42.16
C PRO C 5 21.64 -16.84 41.41
N ARG C 6 20.84 -16.43 40.44
CA ARG C 6 21.18 -15.30 39.59
C ARG C 6 20.87 -13.96 40.25
N LYS C 7 21.87 -13.10 40.36
CA LYS C 7 21.67 -11.78 40.94
C LYS C 7 21.03 -10.92 39.84
N MET C 8 20.39 -9.83 40.24
CA MET C 8 19.72 -8.94 39.30
C MET C 8 20.09 -7.51 39.61
N TYR C 9 20.53 -6.76 38.59
CA TYR C 9 20.90 -5.36 38.79
C TYR C 9 20.15 -4.39 37.91
N SER C 10 20.04 -3.15 38.39
CA SER C 10 19.39 -2.07 37.66
C SER C 10 20.52 -1.12 37.26
N CYS C 11 20.82 -1.07 35.97
CA CYS C 11 21.91 -0.24 35.46
C CYS C 11 21.52 0.93 34.61
N ALA C 12 22.48 1.83 34.43
CA ALA C 12 22.26 3.00 33.62
C ALA C 12 23.60 3.61 33.20
N PHE C 13 23.58 4.33 32.08
CA PHE C 13 24.76 5.02 31.54
C PHE C 13 24.41 6.49 31.36
N GLU C 14 25.45 7.30 31.31
CA GLU C 14 25.28 8.71 31.06
C GLU C 14 26.31 8.94 29.97
N THR C 15 25.87 9.47 28.83
CA THR C 15 26.75 9.63 27.68
C THR C 15 26.90 11.04 27.11
N THR C 16 27.92 11.21 26.27
CA THR C 16 28.20 12.47 25.60
C THR C 16 27.22 12.69 24.46
N THR C 17 27.13 13.93 24.01
CA THR C 17 26.19 14.25 22.95
C THR C 17 26.81 14.61 21.60
N LYS C 18 28.14 14.63 21.52
CA LYS C 18 28.81 14.98 20.27
C LYS C 18 28.98 13.78 19.35
N VAL C 19 28.61 13.97 18.09
CA VAL C 19 28.73 12.90 17.11
C VAL C 19 30.16 12.39 17.01
N GLU C 20 31.12 13.31 17.05
CA GLU C 20 32.52 12.94 16.94
C GLU C 20 33.19 12.55 18.26
N ASP C 21 32.47 12.72 19.36
CA ASP C 21 33.01 12.36 20.66
C ASP C 21 31.94 11.73 21.53
N CYS C 22 31.41 10.61 21.04
CA CYS C 22 30.38 9.87 21.75
C CYS C 22 30.96 8.83 22.68
N ARG C 23 30.67 8.97 23.97
CA ARG C 23 31.17 8.02 24.97
C ARG C 23 30.39 8.09 26.27
N VAL C 24 30.56 7.05 27.07
CA VAL C 24 29.92 6.92 28.37
C VAL C 24 30.77 7.65 29.41
N TRP C 25 30.21 8.67 30.06
CA TRP C 25 30.98 9.38 31.08
C TRP C 25 30.60 9.01 32.51
N ALA C 26 29.53 8.24 32.66
CA ALA C 26 29.09 7.79 33.98
C ALA C 26 28.22 6.53 33.86
N TYR C 27 28.40 5.61 34.78
CA TYR C 27 27.60 4.41 34.78
C TYR C 27 27.19 4.14 36.22
N GLY C 28 26.29 3.18 36.39
CA GLY C 28 25.84 2.79 37.71
C GLY C 28 25.01 1.53 37.68
N TYR C 29 25.22 0.68 38.68
CA TYR C 29 24.46 -0.56 38.82
C TYR C 29 24.07 -0.70 40.31
N MET C 30 22.86 -1.19 40.56
CA MET C 30 22.36 -1.39 41.93
C MET C 30 21.69 -2.75 42.00
N ASN C 31 21.86 -3.43 43.14
CA ASN C 31 21.27 -4.75 43.33
C ASN C 31 19.78 -4.65 43.63
N ILE C 32 18.98 -4.90 42.60
CA ILE C 32 17.52 -4.85 42.68
C ILE C 32 16.97 -5.41 44.00
N GLU C 33 17.60 -6.46 44.51
CA GLU C 33 17.14 -7.05 45.75
C GLU C 33 17.74 -6.39 46.98
N ASP C 34 19.01 -5.99 46.88
CA ASP C 34 19.68 -5.34 48.00
C ASP C 34 20.19 -3.99 47.55
N HIS C 35 19.36 -2.97 47.68
CA HIS C 35 19.72 -1.63 47.26
C HIS C 35 20.89 -0.99 48.01
N SER C 36 21.56 -1.77 48.86
CA SER C 36 22.71 -1.23 49.59
C SER C 36 23.97 -1.53 48.77
N GLU C 37 23.84 -2.48 47.83
CA GLU C 37 24.93 -2.86 46.95
C GLU C 37 24.77 -2.09 45.63
N TYR C 38 25.72 -1.21 45.35
CA TYR C 38 25.66 -0.43 44.12
C TYR C 38 26.97 0.32 43.89
N LYS C 39 27.22 0.73 42.64
CA LYS C 39 28.44 1.44 42.28
C LYS C 39 28.21 2.45 41.16
N ILE C 40 28.86 3.59 41.26
CA ILE C 40 28.76 4.63 40.26
C ILE C 40 30.18 5.05 39.87
N GLY C 41 30.55 4.82 38.61
CA GLY C 41 31.89 5.16 38.14
C GLY C 41 31.88 5.97 36.86
N ASN C 42 33.06 6.36 36.38
CA ASN C 42 33.12 7.15 35.15
C ASN C 42 33.92 6.48 34.04
N SER C 43 33.99 5.15 34.10
CA SER C 43 34.73 4.37 33.10
C SER C 43 34.00 3.14 32.61
N LEU C 44 33.61 3.15 31.34
CA LEU C 44 32.89 2.03 30.72
C LEU C 44 33.71 0.75 30.74
N ASP C 45 35.03 0.93 30.64
CA ASP C 45 35.95 -0.20 30.64
C ASP C 45 35.83 -0.86 32.01
N GLU C 46 35.65 -0.04 33.03
CA GLU C 46 35.53 -0.55 34.38
C GLU C 46 34.20 -1.27 34.60
N PHE C 47 33.15 -0.73 33.99
CA PHE C 47 31.82 -1.32 34.11
C PHE C 47 31.80 -2.67 33.38
N MET C 48 32.31 -2.68 32.16
CA MET C 48 32.36 -3.89 31.35
C MET C 48 33.18 -5.00 31.98
N ALA C 49 34.28 -4.63 32.65
CA ALA C 49 35.13 -5.61 33.33
C ALA C 49 34.23 -6.30 34.36
N TRP C 50 33.43 -5.50 35.04
CA TRP C 50 32.49 -6.01 36.04
C TRP C 50 31.44 -6.90 35.34
N VAL C 51 30.88 -6.40 34.24
CA VAL C 51 29.86 -7.14 33.50
C VAL C 51 30.30 -8.57 33.19
N LEU C 52 31.53 -8.71 32.69
CA LEU C 52 32.07 -10.01 32.34
C LEU C 52 32.28 -10.96 33.53
N LYS C 53 32.45 -10.39 34.73
CA LYS C 53 32.68 -11.20 35.94
C LYS C 53 31.42 -11.58 36.74
N VAL C 54 30.45 -10.66 36.74
CA VAL C 54 29.24 -10.79 37.55
C VAL C 54 28.31 -12.00 37.36
N GLN C 55 28.29 -12.67 36.22
CA GLN C 55 27.37 -13.82 36.07
C GLN C 55 25.95 -13.58 36.65
N ALA C 56 25.29 -12.53 36.19
CA ALA C 56 23.94 -12.21 36.67
C ALA C 56 23.07 -11.70 35.54
N ASP C 57 21.92 -11.13 35.90
CA ASP C 57 20.98 -10.57 34.95
C ASP C 57 20.92 -9.05 35.16
N LEU C 58 21.23 -8.28 34.12
CA LEU C 58 21.22 -6.82 34.22
C LEU C 58 20.06 -6.21 33.44
N TYR C 59 19.56 -5.08 33.93
CA TYR C 59 18.47 -4.38 33.26
C TYR C 59 18.82 -2.93 33.04
N PHE C 60 18.63 -2.45 31.82
CA PHE C 60 18.85 -1.05 31.49
C PHE C 60 17.46 -0.57 31.06
N HIS C 61 17.13 0.69 31.31
CA HIS C 61 15.83 1.18 30.91
C HIS C 61 15.97 1.75 29.53
N ASN C 62 15.43 1.02 28.56
CA ASN C 62 15.54 1.40 27.15
C ASN C 62 16.92 0.89 26.68
N LEU C 63 17.08 -0.43 26.63
CA LEU C 63 18.32 -1.10 26.23
C LEU C 63 18.79 -0.70 24.82
N LYS C 64 17.84 -0.30 23.99
CA LYS C 64 18.14 0.11 22.61
C LYS C 64 19.23 1.16 22.59
N PHE C 65 19.31 1.93 23.67
CA PHE C 65 20.31 2.98 23.76
C PHE C 65 21.60 2.47 24.40
N ALA C 66 21.50 2.00 25.64
CA ALA C 66 22.64 1.51 26.35
C ALA C 66 23.31 0.35 25.63
N GLY C 67 22.50 -0.50 25.01
CA GLY C 67 23.02 -1.65 24.31
C GLY C 67 23.97 -1.33 23.17
N ALA C 68 23.83 -0.14 22.60
CA ALA C 68 24.69 0.25 21.50
C ALA C 68 26.11 0.43 22.02
N PHE C 69 26.24 1.12 23.15
CA PHE C 69 27.57 1.32 23.72
C PHE C 69 28.17 0.00 24.17
N ILE C 70 27.32 -0.90 24.64
CA ILE C 70 27.78 -2.21 25.10
C ILE C 70 28.31 -3.10 23.98
N ILE C 71 27.57 -3.21 22.88
CA ILE C 71 28.01 -4.03 21.74
C ILE C 71 29.29 -3.44 21.16
N ASN C 72 29.34 -2.12 21.09
CA ASN C 72 30.50 -1.38 20.57
C ASN C 72 31.75 -1.82 21.31
N TRP C 73 31.61 -2.02 22.62
CA TRP C 73 32.72 -2.41 23.49
C TRP C 73 33.08 -3.89 23.29
N LEU C 74 32.07 -4.75 23.28
CA LEU C 74 32.27 -6.18 23.10
C LEU C 74 33.02 -6.48 21.81
N GLU C 75 32.57 -5.86 20.72
CA GLU C 75 33.17 -6.06 19.39
C GLU C 75 34.62 -5.66 19.33
N ARG C 76 35.02 -4.68 20.14
CA ARG C 76 36.41 -4.24 20.14
C ARG C 76 37.28 -5.07 21.05
N ASN C 77 36.66 -5.84 21.93
CA ASN C 77 37.42 -6.65 22.87
C ASN C 77 37.31 -8.16 22.72
N GLY C 78 37.45 -8.65 21.50
CA GLY C 78 37.43 -10.08 21.27
C GLY C 78 36.11 -10.81 21.24
N PHE C 79 35.00 -10.07 21.24
CA PHE C 79 33.69 -10.70 21.19
C PHE C 79 33.06 -10.51 19.82
N LYS C 80 32.38 -11.56 19.35
CA LYS C 80 31.71 -11.52 18.06
C LYS C 80 30.31 -12.09 18.28
N TRP C 81 29.36 -11.68 17.45
CA TRP C 81 28.00 -12.16 17.57
C TRP C 81 27.97 -13.64 17.20
N SER C 82 27.20 -14.43 17.94
CA SER C 82 27.08 -15.86 17.66
C SER C 82 25.70 -16.33 18.02
N ALA C 83 24.98 -16.72 16.97
CA ALA C 83 23.62 -17.17 17.07
C ALA C 83 23.27 -18.00 18.28
N ASP C 84 24.19 -18.74 18.88
CA ASP C 84 23.85 -19.55 20.06
C ASP C 84 25.12 -20.11 20.69
N GLY C 85 25.43 -19.66 21.89
CA GLY C 85 26.60 -20.15 22.61
C GLY C 85 27.96 -19.74 22.06
N LEU C 86 28.95 -20.64 22.19
CA LEU C 86 30.31 -20.41 21.72
C LEU C 86 31.05 -19.41 22.60
N PRO C 87 31.95 -19.94 23.39
CA PRO C 87 32.67 -19.04 24.31
C PRO C 87 33.20 -17.80 23.65
N ASN C 88 33.29 -16.72 24.40
CA ASN C 88 33.71 -15.43 23.88
C ASN C 88 32.88 -14.82 22.76
N THR C 89 31.57 -15.03 22.81
CA THR C 89 30.67 -14.46 21.83
C THR C 89 29.42 -14.02 22.58
N TYR C 90 28.57 -13.28 21.90
CA TYR C 90 27.35 -12.78 22.49
C TYR C 90 26.21 -12.93 21.50
N ASN C 91 25.06 -13.34 22.00
CA ASN C 91 23.87 -13.49 21.19
C ASN C 91 22.97 -12.29 21.46
N THR C 92 21.99 -12.05 20.61
CA THR C 92 21.08 -10.92 20.83
C THR C 92 19.66 -11.16 20.35
N ILE C 93 18.77 -10.26 20.75
CA ILE C 93 17.39 -10.34 20.33
C ILE C 93 16.97 -8.92 20.07
N ILE C 94 17.13 -8.51 18.82
CA ILE C 94 16.77 -7.17 18.33
C ILE C 94 15.81 -7.47 17.19
N SER C 95 14.61 -6.89 17.22
CA SER C 95 13.61 -7.15 16.19
C SER C 95 13.86 -6.46 14.85
N ARG C 96 13.07 -6.86 13.86
CA ARG C 96 13.20 -6.30 12.53
C ARG C 96 13.00 -4.79 12.63
N MET C 97 12.16 -4.36 13.54
CA MET C 97 11.88 -2.95 13.67
C MET C 97 12.83 -2.18 14.57
N GLY C 98 13.83 -2.86 15.12
CA GLY C 98 14.80 -2.20 15.97
C GLY C 98 14.51 -2.22 17.47
N GLN C 99 13.69 -3.16 17.94
CA GLN C 99 13.38 -3.23 19.36
C GLN C 99 14.34 -4.19 20.04
N TRP C 100 15.03 -3.70 21.05
CA TRP C 100 15.99 -4.52 21.77
C TRP C 100 15.37 -5.27 22.95
N TYR C 101 15.59 -6.58 23.04
CA TYR C 101 15.04 -7.34 24.16
C TYR C 101 16.13 -8.01 25.00
N MET C 102 17.28 -8.32 24.42
CA MET C 102 18.32 -9.00 25.19
C MET C 102 19.73 -9.09 24.59
N ILE C 103 20.73 -9.06 25.47
CA ILE C 103 22.13 -9.21 25.08
C ILE C 103 22.68 -10.30 26.00
N ASP C 104 22.98 -11.47 25.44
CA ASP C 104 23.50 -12.58 26.21
C ASP C 104 25.00 -12.69 25.96
N ILE C 105 25.81 -12.60 27.00
CA ILE C 105 27.26 -12.67 26.84
C ILE C 105 27.82 -13.96 27.40
N CYS C 106 28.46 -14.74 26.54
CA CYS C 106 29.01 -16.00 26.96
C CYS C 106 30.53 -15.97 27.13
N LEU C 107 31.01 -16.70 28.14
CA LEU C 107 32.45 -16.78 28.44
C LEU C 107 32.83 -18.24 28.60
N GLY C 108 32.07 -19.10 27.95
CA GLY C 108 32.36 -20.51 28.01
C GLY C 108 31.62 -21.21 29.14
N TYR C 109 32.15 -22.37 29.53
CA TYR C 109 31.59 -23.15 30.63
C TYR C 109 32.69 -23.41 31.67
N LYS C 110 32.31 -24.09 32.74
CA LYS C 110 33.23 -24.51 33.79
C LYS C 110 32.52 -25.64 34.51
N GLY C 111 32.98 -26.86 34.24
CA GLY C 111 32.41 -28.04 34.87
C GLY C 111 31.01 -28.27 34.32
N LYS C 112 30.84 -28.02 33.02
CA LYS C 112 29.56 -28.24 32.36
C LYS C 112 28.43 -27.26 32.66
N ARG C 113 28.74 -26.06 33.16
CA ARG C 113 27.76 -25.03 33.41
C ARG C 113 28.37 -23.82 32.78
N LYS C 114 27.60 -23.14 31.93
CA LYS C 114 28.11 -21.96 31.25
C LYS C 114 28.27 -20.71 32.10
N ILE C 115 29.28 -19.92 31.78
CA ILE C 115 29.54 -18.69 32.51
C ILE C 115 29.04 -17.49 31.74
N HIS C 116 27.97 -16.85 32.20
CA HIS C 116 27.55 -15.69 31.47
C HIS C 116 26.79 -14.60 32.19
N THR C 117 26.52 -13.54 31.43
CA THR C 117 25.84 -12.34 31.90
C THR C 117 24.81 -11.89 30.86
N VAL C 118 23.53 -11.91 31.23
CA VAL C 118 22.49 -11.48 30.30
C VAL C 118 21.96 -10.07 30.61
N ILE C 119 21.79 -9.25 29.58
CA ILE C 119 21.29 -7.89 29.76
C ILE C 119 19.89 -7.79 29.16
N TYR C 120 18.96 -7.15 29.87
CA TYR C 120 17.58 -7.01 29.41
C TYR C 120 17.12 -5.57 29.42
N ASP C 121 15.94 -5.35 28.85
CA ASP C 121 15.38 -4.01 28.80
C ASP C 121 14.27 -3.93 29.84
N SER C 122 14.45 -3.09 30.85
CA SER C 122 13.45 -2.93 31.88
C SER C 122 12.24 -2.25 31.26
N LEU C 123 12.48 -1.53 30.15
CA LEU C 123 11.40 -0.83 29.48
C LEU C 123 10.36 -1.81 28.94
N LYS C 124 10.70 -3.09 28.94
CA LYS C 124 9.78 -4.12 28.45
C LYS C 124 8.92 -4.67 29.60
N LYS C 125 9.37 -4.48 30.84
CA LYS C 125 8.62 -4.93 32.02
C LYS C 125 7.79 -3.79 32.61
N LEU C 126 8.31 -2.58 32.47
CA LEU C 126 7.66 -1.37 32.97
C LEU C 126 7.74 -0.41 31.79
N PRO C 127 6.75 -0.47 30.89
CA PRO C 127 6.69 0.35 29.69
C PRO C 127 6.40 1.85 29.83
N PHE C 128 7.10 2.52 30.75
CA PHE C 128 6.89 3.96 30.92
C PHE C 128 8.24 4.57 31.22
N PRO C 129 8.34 5.90 31.13
CA PRO C 129 9.58 6.63 31.40
C PRO C 129 9.87 6.52 32.90
N VAL C 130 11.12 6.70 33.27
CA VAL C 130 11.51 6.61 34.68
C VAL C 130 10.71 7.57 35.55
N LYS C 131 10.62 8.83 35.13
CA LYS C 131 9.89 9.81 35.91
C LYS C 131 8.47 9.33 36.16
N LYS C 132 7.74 9.01 35.10
CA LYS C 132 6.37 8.52 35.24
C LYS C 132 6.33 7.36 36.25
N ILE C 133 7.20 6.37 36.06
CA ILE C 133 7.24 5.22 36.96
C ILE C 133 7.42 5.67 38.41
N ALA C 134 8.18 6.74 38.60
CA ALA C 134 8.42 7.25 39.93
C ALA C 134 7.14 7.83 40.55
N LYS C 135 6.42 8.61 39.76
CA LYS C 135 5.19 9.24 40.20
C LYS C 135 4.11 8.20 40.46
N ASP C 136 3.80 7.37 39.45
CA ASP C 136 2.75 6.34 39.60
C ASP C 136 3.02 5.30 40.67
N PHE C 137 4.31 4.96 40.89
CA PHE C 137 4.60 3.94 41.93
C PHE C 137 4.89 4.53 43.30
N LYS C 138 4.78 5.86 43.41
CA LYS C 138 5.04 6.48 44.71
C LYS C 138 6.50 6.27 45.12
N LEU C 139 7.43 6.56 44.20
CA LEU C 139 8.84 6.40 44.51
C LEU C 139 9.54 7.76 44.58
N THR C 140 10.36 7.95 45.59
CA THR C 140 11.10 9.19 45.76
C THR C 140 11.94 9.52 44.54
N VAL C 141 11.72 10.69 43.96
CA VAL C 141 12.45 11.13 42.78
C VAL C 141 13.09 12.50 42.98
N LEU C 142 14.37 12.61 42.64
CA LEU C 142 15.09 13.88 42.77
C LEU C 142 14.60 14.90 41.76
N LYS C 143 14.30 16.08 42.26
CA LYS C 143 13.79 17.18 41.45
C LYS C 143 14.87 17.69 40.50
N GLY C 144 14.53 17.80 39.21
CA GLY C 144 15.48 18.29 38.22
C GLY C 144 16.34 17.19 37.60
N ASP C 145 17.34 17.58 36.80
CA ASP C 145 18.22 16.60 36.17
C ASP C 145 19.54 17.19 35.69
N ILE C 146 20.49 16.30 35.50
CA ILE C 146 21.82 16.64 35.05
C ILE C 146 21.80 17.59 33.85
N ASP C 147 22.78 18.49 33.80
CA ASP C 147 22.87 19.40 32.66
C ASP C 147 23.38 18.56 31.49
N TYR C 148 22.45 17.86 30.84
CA TYR C 148 22.76 16.98 29.71
C TYR C 148 23.74 17.57 28.72
N HIS C 149 23.77 18.89 28.60
CA HIS C 149 24.75 19.45 27.71
C HIS C 149 25.76 20.36 28.37
N LYS C 150 26.64 19.71 29.14
CA LYS C 150 27.72 20.37 29.83
C LYS C 150 28.97 19.69 29.32
N GLU C 151 30.05 20.43 29.16
CA GLU C 151 31.28 19.86 28.65
C GLU C 151 31.86 18.78 29.56
N ARG C 152 32.03 17.57 29.02
CA ARG C 152 32.59 16.48 29.81
C ARG C 152 33.69 15.71 29.07
N PRO C 153 34.94 16.22 29.15
CA PRO C 153 36.12 15.64 28.51
C PRO C 153 36.61 14.37 29.18
N VAL C 154 37.51 13.64 28.53
CA VAL C 154 38.06 12.43 29.12
C VAL C 154 38.70 12.90 30.41
N GLY C 155 38.45 12.17 31.50
CA GLY C 155 39.01 12.55 32.78
C GLY C 155 37.99 13.26 33.67
N TYR C 156 36.83 13.58 33.11
CA TYR C 156 35.77 14.25 33.86
C TYR C 156 35.42 13.58 35.15
N LYS C 157 35.30 14.38 36.19
CA LYS C 157 34.96 13.87 37.51
C LYS C 157 33.49 14.11 37.82
N ILE C 158 32.76 13.03 38.08
CA ILE C 158 31.33 13.15 38.38
C ILE C 158 31.14 13.88 39.70
N THR C 159 30.45 15.02 39.65
CA THR C 159 30.22 15.81 40.86
C THR C 159 29.20 15.12 41.75
N PRO C 160 29.23 15.41 43.06
CA PRO C 160 28.29 14.82 44.02
C PRO C 160 26.82 14.96 43.64
N GLU C 161 26.46 16.09 43.03
CA GLU C 161 25.08 16.28 42.58
C GLU C 161 24.73 15.26 41.48
N GLU C 162 25.50 15.26 40.38
CA GLU C 162 25.29 14.34 39.26
C GLU C 162 25.28 12.92 39.82
N TYR C 163 26.17 12.65 40.76
CA TYR C 163 26.24 11.33 41.38
C TYR C 163 24.92 10.85 42.00
N ALA C 164 24.16 11.80 42.54
CA ALA C 164 22.89 11.42 43.19
C ALA C 164 21.79 11.20 42.15
N TYR C 165 21.89 11.86 41.01
CA TYR C 165 20.89 11.69 39.99
C TYR C 165 20.98 10.32 39.36
N ILE C 166 22.20 9.83 39.22
CA ILE C 166 22.43 8.50 38.67
C ILE C 166 21.92 7.46 39.66
N LYS C 167 22.28 7.60 40.92
CA LYS C 167 21.83 6.68 41.95
C LYS C 167 20.31 6.66 42.01
N ASN C 168 19.69 7.85 41.95
CA ASN C 168 18.24 7.93 41.99
C ASN C 168 17.60 7.22 40.80
N ASP C 169 18.05 7.54 39.59
CA ASP C 169 17.50 6.92 38.39
C ASP C 169 17.55 5.40 38.45
N ILE C 170 18.68 4.84 38.82
CA ILE C 170 18.77 3.40 38.88
C ILE C 170 18.03 2.84 40.08
N GLN C 171 17.83 3.66 41.10
CA GLN C 171 17.13 3.15 42.29
C GLN C 171 15.64 3.07 42.01
N ILE C 172 15.11 4.08 41.32
CA ILE C 172 13.70 4.10 40.99
C ILE C 172 13.34 2.84 40.22
N ILE C 173 14.19 2.44 39.28
CA ILE C 173 13.92 1.23 38.50
C ILE C 173 14.10 0.00 39.38
N ALA C 174 15.11 0.05 40.24
CA ALA C 174 15.38 -1.04 41.16
C ALA C 174 14.21 -1.33 42.11
N GLU C 175 13.56 -0.27 42.59
CA GLU C 175 12.43 -0.45 43.49
C GLU C 175 11.23 -1.04 42.73
N ALA C 176 10.96 -0.51 41.53
CA ALA C 176 9.86 -1.00 40.71
C ALA C 176 10.04 -2.48 40.35
N LEU C 177 11.19 -2.83 39.78
CA LEU C 177 11.40 -4.23 39.44
C LEU C 177 11.24 -5.11 40.67
N LEU C 178 11.78 -4.68 41.81
CA LEU C 178 11.67 -5.49 43.02
C LEU C 178 10.21 -5.74 43.41
N ILE C 179 9.43 -4.67 43.52
CA ILE C 179 8.02 -4.77 43.87
C ILE C 179 7.34 -5.73 42.89
N GLN C 180 7.69 -5.56 41.62
CA GLN C 180 7.15 -6.40 40.56
C GLN C 180 7.55 -7.87 40.81
N PHE C 181 8.82 -8.14 41.11
CA PHE C 181 9.25 -9.52 41.34
C PHE C 181 8.68 -10.14 42.61
N LYS C 182 8.42 -9.32 43.62
CA LYS C 182 7.86 -9.81 44.88
C LYS C 182 6.39 -10.19 44.70
N GLN C 183 5.81 -9.74 43.59
CA GLN C 183 4.41 -10.03 43.29
C GLN C 183 4.30 -11.20 42.33
N GLY C 184 5.39 -11.95 42.15
CA GLY C 184 5.36 -13.10 41.24
C GLY C 184 5.49 -12.79 39.75
N LEU C 185 5.63 -11.52 39.41
CA LEU C 185 5.79 -11.11 38.02
C LEU C 185 7.27 -11.20 37.68
N ASP C 186 7.76 -12.42 37.48
CA ASP C 186 9.16 -12.64 37.20
C ASP C 186 9.42 -13.07 35.77
N ARG C 187 9.00 -12.24 34.82
CA ARG C 187 9.21 -12.54 33.41
C ARG C 187 10.05 -11.46 32.77
N MET C 188 10.39 -11.70 31.50
CA MET C 188 11.20 -10.77 30.71
C MET C 188 10.31 -9.64 30.20
N THR C 189 9.04 -9.92 29.98
CA THR C 189 8.15 -8.89 29.49
C THR C 189 6.87 -8.84 30.30
N ALA C 190 6.23 -7.67 30.30
CA ALA C 190 4.96 -7.50 31.02
C ALA C 190 3.94 -8.39 30.35
N GLY C 191 4.07 -8.55 29.03
CA GLY C 191 3.15 -9.39 28.29
C GLY C 191 3.25 -10.82 28.77
N SER C 192 4.47 -11.31 29.01
CA SER C 192 4.67 -12.68 29.47
C SER C 192 4.28 -12.80 30.94
N ASP C 193 4.29 -11.68 31.66
CA ASP C 193 3.92 -11.73 33.06
C ASP C 193 2.42 -12.02 33.11
N SER C 194 1.68 -11.47 32.15
CA SER C 194 0.23 -11.66 32.13
C SER C 194 -0.11 -13.09 31.78
N LEU C 195 0.54 -13.59 30.75
CA LEU C 195 0.30 -14.96 30.34
C LEU C 195 0.60 -15.94 31.48
N LYS C 196 1.65 -15.65 32.26
CA LYS C 196 1.99 -16.52 33.39
C LYS C 196 0.87 -16.49 34.42
N GLY C 197 0.43 -15.28 34.76
CA GLY C 197 -0.63 -15.14 35.73
C GLY C 197 -1.90 -15.80 35.23
N PHE C 198 -2.10 -15.76 33.91
CA PHE C 198 -3.28 -16.37 33.35
C PHE C 198 -3.13 -17.89 33.42
N LYS C 199 -1.98 -18.37 32.99
CA LYS C 199 -1.75 -19.81 33.00
C LYS C 199 -1.80 -20.36 34.43
N ASP C 200 -1.39 -19.55 35.40
CA ASP C 200 -1.38 -19.96 36.79
C ASP C 200 -2.80 -20.11 37.34
N ILE C 201 -3.75 -19.46 36.67
CA ILE C 201 -5.13 -19.50 37.11
C ILE C 201 -5.95 -20.63 36.51
N ILE C 202 -5.61 -21.07 35.31
CA ILE C 202 -6.37 -22.15 34.68
C ILE C 202 -5.57 -23.42 34.54
N THR C 203 -4.31 -23.38 35.00
CA THR C 203 -3.44 -24.56 34.94
C THR C 203 -2.72 -24.68 33.60
N THR C 204 -1.51 -25.20 33.61
CA THR C 204 -0.77 -25.39 32.38
C THR C 204 -1.38 -26.60 31.66
N LYS C 205 -2.19 -27.36 32.40
CA LYS C 205 -2.84 -28.55 31.85
C LYS C 205 -4.04 -28.16 30.99
N LYS C 206 -4.89 -27.28 31.53
CA LYS C 206 -6.06 -26.84 30.81
C LYS C 206 -5.67 -25.85 29.72
N PHE C 207 -4.61 -25.10 29.98
CA PHE C 207 -4.11 -24.11 29.02
C PHE C 207 -3.79 -24.83 27.73
N LYS C 208 -2.89 -25.81 27.84
CA LYS C 208 -2.43 -26.60 26.71
C LYS C 208 -3.57 -27.24 25.93
N LYS C 209 -4.64 -27.62 26.62
CA LYS C 209 -5.80 -28.22 25.95
C LYS C 209 -6.66 -27.17 25.26
N VAL C 210 -6.83 -26.03 25.92
CA VAL C 210 -7.64 -24.96 25.36
C VAL C 210 -6.92 -24.18 24.25
N PHE C 211 -5.59 -24.08 24.34
CA PHE C 211 -4.82 -23.34 23.32
C PHE C 211 -3.74 -24.18 22.66
N PRO C 212 -4.14 -25.17 21.87
CA PRO C 212 -3.19 -26.04 21.16
C PRO C 212 -2.35 -25.27 20.14
N THR C 213 -1.27 -25.89 19.68
CA THR C 213 -0.42 -25.24 18.70
C THR C 213 -0.90 -25.71 17.33
N LEU C 214 -1.28 -24.76 16.49
CA LEU C 214 -1.76 -25.07 15.16
C LEU C 214 -0.59 -25.24 14.21
N SER C 215 -0.87 -25.85 13.05
CA SER C 215 0.16 -26.04 12.05
C SER C 215 0.59 -24.68 11.50
N LEU C 216 1.76 -24.65 10.90
CA LEU C 216 2.30 -23.42 10.34
C LEU C 216 1.36 -22.82 9.29
N GLY C 217 0.80 -23.69 8.45
CA GLY C 217 -0.09 -23.20 7.41
C GLY C 217 -1.45 -22.79 7.96
N LEU C 218 -1.91 -23.51 8.98
CA LEU C 218 -3.21 -23.25 9.59
C LEU C 218 -3.18 -21.92 10.35
N ASP C 219 -2.00 -21.58 10.85
CA ASP C 219 -1.81 -20.35 11.58
C ASP C 219 -1.75 -19.18 10.60
N LYS C 220 -1.15 -19.42 9.43
CA LYS C 220 -1.03 -18.36 8.45
C LYS C 220 -2.41 -17.99 7.89
N GLU C 221 -3.28 -18.98 7.73
CA GLU C 221 -4.62 -18.73 7.22
C GLU C 221 -5.41 -17.92 8.24
N VAL C 222 -5.26 -18.27 9.52
CA VAL C 222 -5.95 -17.53 10.57
C VAL C 222 -5.47 -16.09 10.58
N ARG C 223 -4.15 -15.90 10.48
CA ARG C 223 -3.54 -14.57 10.48
C ARG C 223 -4.12 -13.69 9.38
N TYR C 224 -4.52 -14.30 8.27
CA TYR C 224 -5.11 -13.54 7.17
C TYR C 224 -6.33 -12.76 7.67
N ALA C 225 -7.04 -13.33 8.64
CA ALA C 225 -8.23 -12.69 9.18
C ALA C 225 -7.97 -11.73 10.34
N TYR C 226 -6.71 -11.49 10.67
CA TYR C 226 -6.39 -10.59 11.77
C TYR C 226 -6.21 -9.14 11.33
N ARG C 227 -6.82 -8.22 12.08
CA ARG C 227 -6.71 -6.78 11.82
C ARG C 227 -6.55 -6.12 13.17
N GLY C 228 -6.11 -4.87 13.17
CA GLY C 228 -5.93 -4.16 14.41
C GLY C 228 -7.13 -3.30 14.76
N GLY C 229 -6.91 -2.27 15.56
CA GLY C 229 -8.01 -1.41 15.93
C GLY C 229 -8.58 -0.62 14.77
N PHE C 230 -9.81 -0.19 14.91
CA PHE C 230 -10.47 0.59 13.88
C PHE C 230 -10.16 2.06 14.15
N THR C 231 -9.42 2.69 13.23
CA THR C 231 -9.03 4.11 13.32
C THR C 231 -9.43 4.77 12.02
N TRP C 232 -10.52 5.54 12.05
CA TRP C 232 -11.04 6.18 10.86
C TRP C 232 -11.45 7.63 11.07
N LEU C 233 -11.26 8.43 10.02
CA LEU C 233 -11.63 9.83 10.06
C LEU C 233 -12.60 10.10 8.92
N ASN C 234 -13.71 10.73 9.27
CA ASN C 234 -14.75 11.06 8.32
C ASN C 234 -14.16 12.06 7.33
N ASP C 235 -14.12 11.72 6.06
CA ASP C 235 -13.58 12.62 5.06
C ASP C 235 -14.29 13.97 5.14
N ARG C 236 -15.59 13.93 5.42
CA ARG C 236 -16.42 15.11 5.53
C ARG C 236 -15.79 16.20 6.41
N PHE C 237 -15.35 15.82 7.60
CA PHE C 237 -14.74 16.75 8.54
C PHE C 237 -13.23 16.79 8.38
N LYS C 238 -12.73 16.22 7.29
CA LYS C 238 -11.29 16.19 7.07
C LYS C 238 -10.68 17.57 6.89
N GLU C 239 -9.62 17.83 7.65
CA GLU C 239 -8.85 19.08 7.61
C GLU C 239 -9.60 20.38 7.96
N LYS C 240 -10.91 20.42 7.72
CA LYS C 240 -11.67 21.62 8.05
C LYS C 240 -11.85 21.64 9.56
N GLU C 241 -11.88 22.81 10.17
CA GLU C 241 -12.04 22.87 11.62
C GLU C 241 -13.52 23.01 11.98
N ILE C 242 -13.87 22.50 13.15
CA ILE C 242 -15.25 22.54 13.61
C ILE C 242 -15.32 23.05 15.03
N GLY C 243 -16.52 22.98 15.61
CA GLY C 243 -16.68 23.43 16.98
C GLY C 243 -17.76 22.70 17.75
N GLU C 244 -17.49 22.43 19.02
CA GLU C 244 -18.43 21.75 19.88
C GLU C 244 -18.59 20.29 19.50
N GLY C 245 -17.99 19.41 20.30
CA GLY C 245 -18.06 17.98 20.06
C GLY C 245 -17.85 17.23 21.35
N MET C 246 -18.08 15.93 21.33
CA MET C 246 -17.91 15.10 22.53
C MET C 246 -17.07 13.90 22.16
N VAL C 247 -16.49 13.26 23.18
CA VAL C 247 -15.66 12.09 22.97
C VAL C 247 -16.05 11.00 23.96
N PHE C 248 -16.29 9.80 23.42
CA PHE C 248 -16.67 8.69 24.27
C PHE C 248 -15.60 7.61 24.15
N ASP C 249 -15.18 7.08 25.30
CA ASP C 249 -14.16 6.04 25.37
C ASP C 249 -14.73 4.82 26.07
N VAL C 250 -14.44 3.62 25.56
CA VAL C 250 -14.94 2.40 26.18
C VAL C 250 -14.15 2.12 27.47
N ASN C 251 -14.84 1.76 28.56
CA ASN C 251 -14.12 1.47 29.79
C ASN C 251 -13.44 0.09 29.61
N SER C 252 -12.10 0.10 29.50
CA SER C 252 -11.29 -1.11 29.30
C SER C 252 -11.81 -1.99 28.16
N LEU C 253 -11.56 -1.53 26.93
CA LEU C 253 -11.98 -2.19 25.70
C LEU C 253 -11.69 -3.67 25.57
N TYR C 254 -10.41 -4.01 25.57
CA TYR C 254 -9.99 -5.40 25.40
C TYR C 254 -10.38 -6.30 26.59
N PRO C 255 -10.06 -5.91 27.82
CA PRO C 255 -10.46 -6.80 28.91
C PRO C 255 -11.97 -7.02 28.89
N ALA C 256 -12.72 -6.05 28.37
CA ALA C 256 -14.17 -6.17 28.28
C ALA C 256 -14.62 -7.23 27.27
N GLN C 257 -13.97 -7.30 26.11
CA GLN C 257 -14.39 -8.30 25.13
C GLN C 257 -14.03 -9.68 25.69
N MET C 258 -12.84 -9.75 26.30
CA MET C 258 -12.33 -10.98 26.86
C MET C 258 -13.20 -11.44 28.01
N TYR C 259 -13.89 -10.51 28.64
CA TYR C 259 -14.75 -10.83 29.80
C TYR C 259 -16.07 -11.51 29.44
N SER C 260 -16.72 -11.07 28.37
CA SER C 260 -18.02 -11.66 28.05
C SER C 260 -18.35 -11.95 26.59
N ARG C 261 -17.41 -11.79 25.66
CA ARG C 261 -17.71 -12.11 24.27
C ARG C 261 -17.46 -13.60 24.01
N LEU C 262 -18.10 -14.14 22.98
CA LEU C 262 -17.93 -15.55 22.63
C LEU C 262 -16.56 -15.65 21.96
N LEU C 263 -15.60 -16.26 22.64
CA LEU C 263 -14.24 -16.42 22.13
C LEU C 263 -13.87 -17.87 21.79
N PRO C 264 -12.99 -18.06 20.80
CA PRO C 264 -12.56 -19.39 20.35
C PRO C 264 -11.53 -20.14 21.19
N TYR C 265 -11.52 -21.46 21.04
CA TYR C 265 -10.56 -22.28 21.75
C TYR C 265 -10.51 -23.66 21.07
N GLY C 266 -9.44 -24.41 21.28
CA GLY C 266 -9.37 -25.73 20.69
C GLY C 266 -8.88 -25.81 19.25
N GLU C 267 -8.89 -27.03 18.74
CA GLU C 267 -8.44 -27.35 17.40
C GLU C 267 -9.54 -26.96 16.43
N PRO C 268 -9.16 -26.22 15.41
CA PRO C 268 -10.14 -25.85 14.36
C PRO C 268 -10.54 -26.99 13.44
N ILE C 269 -11.75 -26.97 12.89
CA ILE C 269 -12.18 -27.96 11.91
C ILE C 269 -12.30 -27.25 10.57
N VAL C 270 -11.62 -27.78 9.56
CA VAL C 270 -11.66 -27.17 8.25
C VAL C 270 -12.93 -27.56 7.51
N PHE C 271 -13.57 -26.59 6.86
CA PHE C 271 -14.77 -26.90 6.09
C PHE C 271 -14.68 -26.29 4.69
N GLU C 272 -15.48 -26.82 3.77
CA GLU C 272 -15.45 -26.34 2.41
C GLU C 272 -16.71 -25.54 2.09
N GLY C 273 -16.56 -24.53 1.24
CA GLY C 273 -17.71 -23.72 0.89
C GLY C 273 -18.13 -22.78 2.01
N LYS C 274 -19.43 -22.55 2.10
CA LYS C 274 -19.99 -21.63 3.10
C LYS C 274 -20.30 -22.29 4.44
N TYR C 275 -19.99 -21.58 5.51
CA TYR C 275 -20.22 -22.09 6.85
C TYR C 275 -21.69 -22.41 7.13
N VAL C 276 -21.91 -23.52 7.82
CA VAL C 276 -23.26 -23.92 8.20
C VAL C 276 -23.29 -23.86 9.73
N TRP C 277 -24.39 -23.40 10.32
CA TRP C 277 -24.48 -23.29 11.77
C TRP C 277 -24.14 -24.60 12.49
N ASP C 278 -23.14 -24.53 13.38
CA ASP C 278 -22.72 -25.68 14.15
C ASP C 278 -22.64 -25.28 15.63
N GLU C 279 -23.69 -25.65 16.34
CA GLU C 279 -23.82 -25.35 17.77
C GLU C 279 -22.51 -25.55 18.54
N ASP C 280 -21.78 -26.62 18.23
CA ASP C 280 -20.52 -26.92 18.90
C ASP C 280 -19.32 -26.12 18.41
N TYR C 281 -19.45 -25.60 17.18
CA TYR C 281 -18.40 -24.77 16.59
C TYR C 281 -19.10 -23.48 16.12
N PRO C 282 -19.54 -22.67 17.10
CA PRO C 282 -20.24 -21.39 16.89
C PRO C 282 -19.50 -20.31 16.11
N LEU C 283 -18.17 -20.28 16.21
CA LEU C 283 -17.37 -19.26 15.55
C LEU C 283 -16.67 -19.77 14.29
N HIS C 284 -16.33 -18.85 13.40
CA HIS C 284 -15.62 -19.26 12.19
C HIS C 284 -14.96 -18.12 11.43
N ILE C 285 -14.01 -18.48 10.62
CA ILE C 285 -13.31 -17.60 9.74
C ILE C 285 -13.61 -18.13 8.37
N GLN C 286 -14.07 -17.25 7.49
CA GLN C 286 -14.48 -17.66 6.16
C GLN C 286 -13.64 -17.03 5.06
N HIS C 287 -13.20 -17.86 4.12
CA HIS C 287 -12.41 -17.38 2.98
C HIS C 287 -13.44 -17.13 1.89
N ILE C 288 -13.59 -15.86 1.52
CA ILE C 288 -14.56 -15.49 0.52
C ILE C 288 -13.90 -14.71 -0.60
N ARG C 289 -14.59 -14.65 -1.73
CA ARG C 289 -14.11 -13.94 -2.90
C ARG C 289 -15.28 -13.13 -3.40
N CYS C 290 -15.09 -11.84 -3.63
CA CYS C 290 -16.21 -11.04 -4.08
C CYS C 290 -15.77 -9.67 -4.56
N GLU C 291 -16.75 -8.88 -4.90
CA GLU C 291 -16.58 -7.52 -5.30
C GLU C 291 -17.53 -6.76 -4.36
N PHE C 292 -17.24 -5.50 -4.07
CA PHE C 292 -18.08 -4.78 -3.14
C PHE C 292 -18.11 -3.27 -3.33
N GLU C 293 -19.16 -2.65 -2.83
CA GLU C 293 -19.34 -1.21 -2.92
C GLU C 293 -19.89 -0.73 -1.60
N LEU C 294 -19.16 0.14 -0.92
CA LEU C 294 -19.64 0.64 0.36
C LEU C 294 -21.05 1.20 0.11
N LYS C 295 -21.97 0.92 1.02
CA LYS C 295 -23.33 1.42 0.87
C LYS C 295 -23.38 2.89 1.27
N GLU C 296 -24.35 3.59 0.73
CA GLU C 296 -24.52 5.00 1.00
C GLU C 296 -24.93 5.22 2.45
N GLY C 297 -24.18 6.04 3.17
CA GLY C 297 -24.51 6.31 4.56
C GLY C 297 -23.91 5.32 5.53
N TYR C 298 -22.86 4.63 5.11
CA TYR C 298 -22.21 3.64 5.96
C TYR C 298 -20.72 3.87 6.03
N ILE C 299 -20.14 3.56 7.18
CA ILE C 299 -18.72 3.70 7.37
C ILE C 299 -17.95 2.55 6.71
N PRO C 300 -16.82 2.89 6.13
CA PRO C 300 -15.96 1.83 5.60
C PRO C 300 -15.61 0.77 6.71
N THR C 301 -15.41 -0.47 6.35
CA THR C 301 -15.15 -1.50 7.29
C THR C 301 -13.98 -2.40 6.86
N ILE C 302 -13.91 -2.60 5.55
CA ILE C 302 -12.87 -3.43 4.96
C ILE C 302 -11.58 -2.64 4.93
N GLN C 303 -10.63 -3.04 5.75
CA GLN C 303 -9.38 -2.32 5.80
C GLN C 303 -8.19 -3.10 5.31
N ILE C 304 -7.17 -2.35 5.10
CA ILE C 304 -5.86 -2.80 4.71
C ILE C 304 -4.96 -1.96 5.60
N LYS C 305 -4.03 -2.60 6.28
CA LYS C 305 -3.18 -1.89 7.22
C LYS C 305 -1.73 -2.26 7.08
N ARG C 306 -0.93 -1.83 8.05
CA ARG C 306 0.51 -2.09 8.11
C ARG C 306 1.14 -2.50 6.77
N SER C 307 1.33 -1.54 5.88
CA SER C 307 1.90 -1.89 4.57
C SER C 307 3.43 -2.01 4.64
N ARG C 308 4.05 -2.20 3.48
CA ARG C 308 5.50 -2.37 3.40
C ARG C 308 6.36 -1.61 4.40
N PHE C 309 6.33 -0.27 4.36
CA PHE C 309 7.17 0.49 5.31
C PHE C 309 6.36 1.25 6.34
N TYR C 310 5.48 2.12 5.90
CA TYR C 310 4.69 2.89 6.84
C TYR C 310 3.18 2.66 6.67
N LYS C 311 2.52 2.50 7.81
CA LYS C 311 1.10 2.23 7.88
C LYS C 311 0.21 3.46 7.75
N GLY C 312 -1.03 3.31 8.24
CA GLY C 312 -1.99 4.37 8.18
C GLY C 312 -3.30 3.83 7.64
N ASN C 313 -3.89 2.91 8.41
CA ASN C 313 -5.15 2.27 8.04
C ASN C 313 -5.87 2.86 6.83
N GLU C 314 -5.98 2.07 5.77
CA GLU C 314 -6.67 2.50 4.55
C GLU C 314 -7.93 1.68 4.40
N TYR C 315 -9.08 2.33 4.36
CA TYR C 315 -10.34 1.63 4.22
C TYR C 315 -10.94 1.73 2.81
N LEU C 316 -11.08 0.57 2.17
CA LEU C 316 -11.63 0.48 0.82
C LEU C 316 -13.13 0.78 0.81
N LYS C 317 -13.59 1.44 -0.24
CA LYS C 317 -14.99 1.77 -0.37
C LYS C 317 -15.57 0.95 -1.52
N SER C 318 -14.66 0.36 -2.31
CA SER C 318 -15.06 -0.48 -3.43
C SER C 318 -13.88 -1.31 -3.92
N SER C 319 -14.17 -2.44 -4.55
CA SER C 319 -13.13 -3.29 -5.09
C SER C 319 -12.74 -2.68 -6.44
N GLY C 320 -13.65 -1.89 -6.98
CA GLY C 320 -13.41 -1.22 -8.25
C GLY C 320 -12.93 -2.09 -9.40
N GLY C 321 -13.82 -2.91 -9.93
CA GLY C 321 -13.45 -3.76 -11.05
C GLY C 321 -12.83 -5.11 -10.73
N GLU C 322 -11.96 -5.18 -9.74
CA GLU C 322 -11.34 -6.45 -9.41
C GLU C 322 -11.99 -7.24 -8.28
N ILE C 323 -12.00 -8.57 -8.43
CA ILE C 323 -12.58 -9.48 -7.45
C ILE C 323 -11.60 -9.57 -6.29
N ALA C 324 -12.08 -9.27 -5.09
CA ALA C 324 -11.23 -9.31 -3.90
C ALA C 324 -11.17 -10.70 -3.30
N ASP C 325 -10.11 -10.95 -2.54
CA ASP C 325 -9.90 -12.23 -1.87
C ASP C 325 -9.74 -11.92 -0.38
N LEU C 326 -10.69 -12.38 0.44
CA LEU C 326 -10.66 -12.08 1.87
C LEU C 326 -10.90 -13.25 2.82
N TRP C 327 -10.33 -13.15 4.02
CA TRP C 327 -10.53 -14.12 5.10
C TRP C 327 -11.11 -13.28 6.24
N LEU C 328 -12.34 -13.58 6.66
CA LEU C 328 -13.01 -12.83 7.71
C LEU C 328 -13.64 -13.65 8.84
N SER C 329 -13.48 -13.16 10.05
CA SER C 329 -14.11 -13.81 11.19
C SER C 329 -15.60 -13.55 10.96
N ASN C 330 -16.47 -14.31 11.59
CA ASN C 330 -17.90 -14.10 11.38
C ASN C 330 -18.34 -12.72 11.89
N VAL C 331 -17.58 -12.16 12.81
CA VAL C 331 -17.92 -10.85 13.34
C VAL C 331 -17.69 -9.79 12.26
N ASP C 332 -16.54 -9.87 11.60
CA ASP C 332 -16.17 -8.91 10.55
C ASP C 332 -17.02 -9.09 9.30
N LEU C 333 -17.34 -10.34 9.00
CA LEU C 333 -18.15 -10.65 7.83
C LEU C 333 -19.56 -10.12 7.98
N GLU C 334 -20.13 -10.23 9.18
CA GLU C 334 -21.47 -9.74 9.42
C GLU C 334 -21.55 -8.22 9.24
N LEU C 335 -20.48 -7.52 9.60
CA LEU C 335 -20.45 -6.06 9.46
C LEU C 335 -20.26 -5.69 8.01
N MET C 336 -19.45 -6.46 7.31
CA MET C 336 -19.21 -6.18 5.91
C MET C 336 -20.50 -6.26 5.11
N LYS C 337 -21.32 -7.28 5.38
CA LYS C 337 -22.58 -7.47 4.68
C LYS C 337 -23.57 -6.33 4.88
N GLU C 338 -23.52 -5.69 6.04
CA GLU C 338 -24.43 -4.58 6.32
C GLU C 338 -23.97 -3.27 5.72
N HIS C 339 -22.67 -2.97 5.85
CA HIS C 339 -22.10 -1.73 5.35
C HIS C 339 -21.82 -1.69 3.86
N TYR C 340 -21.71 -2.87 3.22
CA TYR C 340 -21.42 -2.88 1.78
C TYR C 340 -22.47 -3.65 0.97
N ASP C 341 -22.32 -3.51 -0.34
CA ASP C 341 -23.11 -4.23 -1.29
C ASP C 341 -22.14 -5.25 -1.85
N LEU C 342 -22.42 -6.53 -1.67
CA LEU C 342 -21.53 -7.59 -2.14
C LEU C 342 -21.96 -8.14 -3.48
N TYR C 343 -21.01 -8.32 -4.38
CA TYR C 343 -21.34 -8.84 -5.69
C TYR C 343 -20.62 -10.16 -6.04
N ASN C 344 -21.38 -11.09 -6.62
CA ASN C 344 -20.85 -12.37 -7.03
C ASN C 344 -19.99 -12.99 -5.95
N VAL C 345 -20.62 -13.22 -4.81
CA VAL C 345 -19.96 -13.77 -3.63
C VAL C 345 -19.65 -15.26 -3.79
N GLU C 346 -18.38 -15.62 -3.64
CA GLU C 346 -18.00 -17.02 -3.73
C GLU C 346 -17.37 -17.49 -2.43
N TYR C 347 -18.08 -18.35 -1.71
CA TYR C 347 -17.55 -18.87 -0.45
C TYR C 347 -16.63 -20.03 -0.79
N ILE C 348 -15.35 -19.92 -0.44
CA ILE C 348 -14.40 -20.97 -0.80
C ILE C 348 -14.25 -22.03 0.28
N SER C 349 -13.88 -21.60 1.49
CA SER C 349 -13.73 -22.51 2.61
C SER C 349 -13.38 -21.70 3.86
N GLY C 350 -13.42 -22.33 5.02
CA GLY C 350 -13.08 -21.63 6.24
C GLY C 350 -12.68 -22.54 7.38
N LEU C 351 -12.72 -21.98 8.59
CA LEU C 351 -12.34 -22.71 9.79
C LEU C 351 -13.41 -22.50 10.85
N LYS C 352 -13.81 -23.59 11.51
CA LYS C 352 -14.81 -23.52 12.60
C LYS C 352 -14.06 -23.71 13.92
N PHE C 353 -14.57 -23.09 14.97
CA PHE C 353 -13.93 -23.22 16.27
C PHE C 353 -14.95 -23.45 17.37
N LYS C 354 -14.52 -24.11 18.44
CA LYS C 354 -15.37 -24.25 19.58
C LYS C 354 -15.33 -22.90 20.23
N ALA C 355 -16.27 -22.53 21.06
CA ALA C 355 -16.21 -21.21 21.68
C ALA C 355 -16.78 -21.22 23.08
N THR C 356 -16.40 -20.21 23.88
CA THR C 356 -16.90 -20.07 25.25
C THR C 356 -16.79 -18.61 25.69
N THR C 357 -17.52 -18.26 26.75
CA THR C 357 -17.49 -16.89 27.28
C THR C 357 -16.84 -16.82 28.67
N GLY C 358 -16.34 -17.93 29.20
CA GLY C 358 -15.81 -17.89 30.55
C GLY C 358 -14.29 -18.12 30.74
N LEU C 359 -13.48 -18.05 29.69
CA LEU C 359 -12.04 -18.26 29.83
C LEU C 359 -11.25 -17.18 30.57
N PHE C 360 -11.74 -15.95 30.57
CA PHE C 360 -10.99 -14.86 31.21
C PHE C 360 -11.59 -14.20 32.45
N LYS C 361 -12.83 -14.54 32.80
CA LYS C 361 -13.49 -13.94 33.96
C LYS C 361 -12.74 -14.05 35.29
N ASP C 362 -12.21 -15.23 35.63
CA ASP C 362 -11.51 -15.36 36.90
C ASP C 362 -10.25 -14.51 36.93
N PHE C 363 -9.49 -14.51 35.84
CA PHE C 363 -8.27 -13.73 35.75
C PHE C 363 -8.61 -12.24 35.84
N ILE C 364 -9.69 -11.83 35.18
CA ILE C 364 -10.09 -10.44 35.17
C ILE C 364 -10.75 -9.99 36.48
N ASP C 365 -11.52 -10.90 37.11
CA ASP C 365 -12.16 -10.58 38.39
C ASP C 365 -11.05 -10.35 39.42
N LYS C 366 -10.10 -11.27 39.46
CA LYS C 366 -8.98 -11.20 40.38
C LYS C 366 -8.18 -9.90 40.28
N TRP C 367 -7.68 -9.57 39.10
CA TRP C 367 -6.90 -8.34 38.92
C TRP C 367 -7.70 -7.03 38.89
N THR C 368 -9.00 -7.09 38.64
CA THR C 368 -9.79 -5.88 38.63
C THR C 368 -10.04 -5.54 40.10
N TYR C 369 -10.13 -6.57 40.92
CA TYR C 369 -10.37 -6.35 42.34
C TYR C 369 -9.11 -5.70 42.91
N ILE C 370 -7.97 -6.34 42.68
CA ILE C 370 -6.70 -5.81 43.16
C ILE C 370 -6.51 -4.37 42.67
N LYS C 371 -6.96 -4.10 41.46
CA LYS C 371 -6.81 -2.77 40.90
C LYS C 371 -7.65 -1.76 41.68
N THR C 372 -8.88 -2.15 41.97
CA THR C 372 -9.80 -1.28 42.68
C THR C 372 -9.46 -1.16 44.17
N THR C 373 -8.79 -2.17 44.74
CA THR C 373 -8.45 -2.16 46.15
C THR C 373 -6.99 -1.80 46.43
N SER C 374 -6.26 -1.31 45.43
CA SER C 374 -4.85 -0.96 45.66
C SER C 374 -4.49 0.48 45.32
N GLU C 375 -3.24 0.84 45.59
CA GLU C 375 -2.76 2.18 45.31
C GLU C 375 -1.34 2.15 44.77
N GLY C 376 -0.97 3.23 44.07
CA GLY C 376 0.37 3.33 43.52
C GLY C 376 0.91 2.12 42.77
N ALA C 377 2.01 1.58 43.26
CA ALA C 377 2.68 0.43 42.63
C ALA C 377 1.79 -0.75 42.27
N ILE C 378 1.25 -1.40 43.30
CA ILE C 378 0.37 -2.55 43.13
C ILE C 378 -0.78 -2.28 42.17
N LYS C 379 -1.26 -1.05 42.14
CA LYS C 379 -2.37 -0.68 41.27
C LYS C 379 -1.94 -0.60 39.80
N GLN C 380 -0.73 -0.08 39.56
CA GLN C 380 -0.23 0.05 38.19
C GLN C 380 0.11 -1.34 37.65
N LEU C 381 0.54 -2.23 38.52
CA LEU C 381 0.88 -3.58 38.10
C LEU C 381 -0.41 -4.31 37.76
N ALA C 382 -1.47 -4.06 38.53
CA ALA C 382 -2.75 -4.71 38.27
C ALA C 382 -3.23 -4.32 36.87
N LYS C 383 -3.10 -3.03 36.55
CA LYS C 383 -3.51 -2.56 35.23
C LYS C 383 -2.66 -3.21 34.14
N LEU C 384 -1.37 -3.39 34.40
CA LEU C 384 -0.48 -4.02 33.42
C LEU C 384 -0.92 -5.46 33.15
N MET C 385 -1.26 -6.16 34.22
CA MET C 385 -1.72 -7.52 34.11
C MET C 385 -2.96 -7.60 33.23
N LEU C 386 -3.88 -6.67 33.46
CA LEU C 386 -5.13 -6.64 32.70
C LEU C 386 -4.95 -6.18 31.25
N ASN C 387 -4.03 -5.26 31.02
CA ASN C 387 -3.82 -4.73 29.69
C ASN C 387 -2.83 -5.46 28.79
N SER C 388 -1.95 -6.25 29.37
CA SER C 388 -0.95 -6.91 28.55
C SER C 388 -1.30 -8.32 28.09
N LEU C 389 -2.43 -8.86 28.56
CA LEU C 389 -2.78 -10.22 28.17
C LEU C 389 -3.19 -10.33 26.70
N TYR C 390 -4.08 -9.47 26.26
CA TYR C 390 -4.54 -9.54 24.87
C TYR C 390 -3.34 -9.64 23.89
N GLY C 391 -2.35 -8.77 24.07
CA GLY C 391 -1.19 -8.77 23.20
C GLY C 391 -0.51 -10.12 22.96
N LYS C 392 -0.54 -11.00 23.97
CA LYS C 392 0.10 -12.30 23.85
C LYS C 392 -0.54 -13.26 22.86
N PHE C 393 -1.81 -13.06 22.53
CA PHE C 393 -2.49 -13.94 21.58
C PHE C 393 -2.35 -13.41 20.15
N ALA C 394 -2.36 -12.09 20.03
CA ALA C 394 -2.22 -11.41 18.74
C ALA C 394 -0.73 -11.12 18.54
N SER C 395 0.08 -12.14 18.76
CA SER C 395 1.52 -12.03 18.62
C SER C 395 1.94 -12.38 17.20
N ASN C 396 3.19 -12.03 16.90
CA ASN C 396 3.74 -12.27 15.60
C ASN C 396 4.38 -13.62 15.38
N PRO C 397 4.48 -13.91 14.10
CA PRO C 397 5.04 -15.15 13.48
C PRO C 397 6.57 -15.39 13.65
N ASP C 398 7.30 -14.99 12.61
CA ASP C 398 8.76 -15.10 12.56
C ASP C 398 9.46 -14.14 13.51
N VAL C 399 10.56 -14.64 14.08
CA VAL C 399 11.36 -13.89 15.02
C VAL C 399 12.60 -13.36 14.29
N THR C 400 12.52 -13.26 12.97
CA THR C 400 13.63 -12.78 12.17
C THR C 400 14.00 -11.38 12.66
N GLY C 401 15.27 -11.17 13.00
CA GLY C 401 15.67 -9.87 13.47
C GLY C 401 16.97 -9.30 12.92
N LYS C 402 17.40 -8.19 13.50
CA LYS C 402 18.63 -7.51 13.08
C LYS C 402 19.81 -8.10 13.82
N VAL C 403 20.91 -8.28 13.11
CA VAL C 403 22.12 -8.81 13.71
C VAL C 403 23.17 -7.74 13.59
N PRO C 404 23.75 -7.32 14.72
CA PRO C 404 24.78 -6.27 14.74
C PRO C 404 26.18 -6.75 14.34
N TYR C 405 27.01 -5.79 13.99
CA TYR C 405 28.41 -6.02 13.63
C TYR C 405 29.07 -4.64 13.71
N LEU C 406 30.38 -4.64 13.90
CA LEU C 406 31.12 -3.38 13.99
C LEU C 406 31.66 -3.01 12.62
N LYS C 407 31.43 -1.76 12.22
CA LYS C 407 31.91 -1.28 10.94
C LYS C 407 33.35 -0.79 11.07
N GLU C 408 33.98 -0.49 9.94
CA GLU C 408 35.36 -0.05 9.98
C GLU C 408 35.51 1.36 10.56
N ASN C 409 34.44 2.15 10.49
CA ASN C 409 34.50 3.50 11.04
C ASN C 409 34.25 3.50 12.54
N GLY C 410 34.12 2.32 13.13
CA GLY C 410 33.89 2.23 14.56
C GLY C 410 32.44 2.16 15.02
N ALA C 411 31.50 2.52 14.14
CA ALA C 411 30.08 2.48 14.49
C ALA C 411 29.47 1.13 14.18
N LEU C 412 28.32 0.86 14.76
CA LEU C 412 27.62 -0.40 14.57
C LEU C 412 26.83 -0.48 13.28
N GLY C 413 26.73 -1.68 12.74
CA GLY C 413 25.96 -1.90 11.53
C GLY C 413 24.99 -3.00 11.87
N PHE C 414 23.99 -3.23 11.03
CA PHE C 414 23.02 -4.28 11.26
C PHE C 414 22.63 -4.93 9.95
N ARG C 415 22.40 -6.23 9.99
CA ARG C 415 21.96 -6.91 8.79
C ARG C 415 20.83 -7.85 9.17
N LEU C 416 19.98 -8.18 8.21
CA LEU C 416 18.88 -9.07 8.50
C LEU C 416 19.46 -10.43 8.89
N GLY C 417 18.90 -11.02 9.94
CA GLY C 417 19.37 -12.31 10.42
C GLY C 417 18.71 -13.44 9.65
N GLU C 418 19.29 -14.62 9.71
CA GLU C 418 18.72 -15.75 9.01
C GLU C 418 17.26 -15.90 9.43
N GLU C 419 16.47 -16.52 8.57
CA GLU C 419 15.06 -16.72 8.88
C GLU C 419 14.99 -17.40 10.24
N GLU C 420 13.89 -17.19 10.95
CA GLU C 420 13.74 -17.77 12.27
C GLU C 420 12.29 -17.64 12.69
N THR C 421 11.71 -18.73 13.17
CA THR C 421 10.32 -18.69 13.57
C THR C 421 10.10 -19.38 14.92
N LYS C 422 9.15 -18.85 15.70
CA LYS C 422 8.80 -19.40 17.00
C LYS C 422 7.43 -20.09 16.95
N ASP C 423 6.70 -20.07 18.06
CA ASP C 423 5.40 -20.72 18.11
C ASP C 423 4.32 -19.79 18.56
N PRO C 424 3.25 -19.64 17.78
CA PRO C 424 2.11 -18.78 18.12
C PRO C 424 1.49 -19.26 19.42
N VAL C 425 0.89 -18.34 20.15
CA VAL C 425 0.18 -18.82 21.29
C VAL C 425 -1.11 -19.37 20.73
N TYR C 426 -2.10 -18.51 20.46
CA TYR C 426 -3.31 -19.06 19.87
C TYR C 426 -3.90 -17.93 19.06
N THR C 427 -3.47 -17.83 17.82
CA THR C 427 -3.87 -16.80 16.88
C THR C 427 -5.37 -16.59 16.78
N PRO C 428 -6.16 -17.68 16.75
CA PRO C 428 -7.61 -17.50 16.64
C PRO C 428 -8.17 -16.58 17.70
N MET C 429 -7.53 -16.56 18.87
CA MET C 429 -7.97 -15.70 19.98
C MET C 429 -7.73 -14.22 19.66
N GLY C 430 -6.55 -13.89 19.16
CA GLY C 430 -6.25 -12.52 18.84
C GLY C 430 -7.15 -11.98 17.75
N VAL C 431 -7.50 -12.85 16.80
CA VAL C 431 -8.37 -12.44 15.70
C VAL C 431 -9.73 -12.01 16.23
N PHE C 432 -10.31 -12.84 17.08
CA PHE C 432 -11.63 -12.55 17.59
C PHE C 432 -11.74 -11.50 18.66
N ILE C 433 -10.69 -11.31 19.45
CA ILE C 433 -10.74 -10.28 20.47
C ILE C 433 -10.71 -8.91 19.77
N THR C 434 -9.86 -8.75 18.76
CA THR C 434 -9.81 -7.48 18.04
C THR C 434 -11.07 -7.32 17.19
N ALA C 435 -11.57 -8.40 16.62
CA ALA C 435 -12.80 -8.28 15.82
C ALA C 435 -13.96 -7.76 16.66
N TRP C 436 -14.18 -8.36 17.83
CA TRP C 436 -15.26 -7.93 18.70
C TRP C 436 -15.02 -6.48 19.14
N ALA C 437 -13.75 -6.14 19.32
CA ALA C 437 -13.36 -4.82 19.75
C ALA C 437 -13.75 -3.81 18.67
N ARG C 438 -13.50 -4.19 17.43
CA ARG C 438 -13.84 -3.34 16.29
C ARG C 438 -15.34 -3.30 16.14
N TYR C 439 -15.97 -4.45 16.32
CA TYR C 439 -17.42 -4.52 16.22
C TYR C 439 -18.07 -3.57 17.23
N THR C 440 -17.50 -3.47 18.43
CA THR C 440 -18.05 -2.59 19.48
C THR C 440 -18.00 -1.12 19.07
N THR C 441 -16.82 -0.70 18.62
CA THR C 441 -16.60 0.67 18.20
C THR C 441 -17.34 1.04 16.93
N ILE C 442 -17.27 0.17 15.93
CA ILE C 442 -17.91 0.42 14.66
C ILE C 442 -19.43 0.56 14.73
N THR C 443 -20.10 -0.38 15.37
CA THR C 443 -21.57 -0.32 15.49
C THR C 443 -22.06 0.93 16.25
N ALA C 444 -21.25 1.44 17.17
CA ALA C 444 -21.61 2.60 17.96
C ALA C 444 -21.51 3.86 17.11
N ALA C 445 -20.43 3.95 16.34
CA ALA C 445 -20.18 5.09 15.45
C ALA C 445 -21.20 5.10 14.35
N GLN C 446 -21.52 3.91 13.83
CA GLN C 446 -22.49 3.85 12.76
C GLN C 446 -23.87 4.24 13.30
N ALA C 447 -24.13 3.97 14.58
CA ALA C 447 -25.42 4.33 15.16
C ALA C 447 -25.53 5.85 15.35
N CYS C 448 -24.39 6.53 15.29
CA CYS C 448 -24.32 7.99 15.44
C CYS C 448 -23.78 8.52 14.13
N TYR C 449 -24.07 7.82 13.04
CA TYR C 449 -23.56 8.25 11.74
C TYR C 449 -23.70 9.73 11.44
N ASP C 450 -24.86 10.30 11.81
CA ASP C 450 -25.14 11.71 11.57
C ASP C 450 -24.15 12.71 12.20
N ARG C 451 -23.67 12.40 13.40
CA ARG C 451 -22.75 13.30 14.11
C ARG C 451 -21.31 12.80 14.21
N ILE C 452 -21.00 11.67 13.57
CA ILE C 452 -19.68 11.06 13.67
C ILE C 452 -18.52 11.77 12.97
N ILE C 453 -17.45 12.00 13.73
CA ILE C 453 -16.28 12.66 13.19
C ILE C 453 -15.07 11.76 13.05
N TYR C 454 -14.73 11.10 14.16
CA TYR C 454 -13.53 10.27 14.22
C TYR C 454 -13.64 9.04 15.13
N CYS C 455 -12.81 8.03 14.86
CA CYS C 455 -12.77 6.78 15.65
C CYS C 455 -11.33 6.35 15.81
N ASP C 456 -11.00 5.82 16.99
CA ASP C 456 -9.67 5.31 17.24
C ASP C 456 -9.69 4.14 18.20
N THR C 457 -9.93 2.95 17.66
CA THR C 457 -9.95 1.72 18.44
C THR C 457 -11.03 1.69 19.55
N ASP C 458 -10.85 2.49 20.59
CA ASP C 458 -11.82 2.50 21.69
C ASP C 458 -12.54 3.82 21.94
N SER C 459 -12.50 4.73 20.97
CA SER C 459 -13.19 6.00 21.17
C SER C 459 -13.89 6.52 19.94
N ILE C 460 -14.91 7.33 20.19
CA ILE C 460 -15.71 7.93 19.13
C ILE C 460 -15.81 9.44 19.34
N HIS C 461 -15.61 10.20 18.28
CA HIS C 461 -15.70 11.66 18.36
C HIS C 461 -16.89 12.15 17.57
N LEU C 462 -17.84 12.77 18.29
CA LEU C 462 -19.08 13.28 17.71
C LEU C 462 -19.23 14.80 17.78
N THR C 463 -19.95 15.35 16.82
CA THR C 463 -20.22 16.78 16.82
C THR C 463 -21.35 16.92 17.83
N GLY C 464 -21.61 18.14 18.28
CA GLY C 464 -22.67 18.35 19.26
C GLY C 464 -22.13 18.08 20.65
N THR C 465 -22.93 18.35 21.67
CA THR C 465 -22.46 18.13 23.03
C THR C 465 -23.48 17.32 23.78
N GLU C 466 -24.51 16.88 23.08
CA GLU C 466 -25.57 16.08 23.70
C GLU C 466 -25.43 14.58 23.42
N ILE C 467 -25.38 13.78 24.49
CA ILE C 467 -25.26 12.33 24.36
C ILE C 467 -26.37 11.81 23.45
N PRO C 468 -26.03 11.17 22.34
CA PRO C 468 -27.06 10.66 21.44
C PRO C 468 -28.05 9.72 22.13
N ASP C 469 -29.30 9.77 21.69
CA ASP C 469 -30.34 8.95 22.26
C ASP C 469 -30.01 7.46 22.11
N VAL C 470 -29.55 7.08 20.92
CA VAL C 470 -29.23 5.68 20.64
C VAL C 470 -28.07 5.14 21.48
N ILE C 471 -27.35 6.03 22.14
CA ILE C 471 -26.18 5.65 22.95
C ILE C 471 -26.41 5.72 24.46
N LYS C 472 -27.49 6.37 24.84
CA LYS C 472 -27.83 6.56 26.22
C LYS C 472 -27.75 5.32 27.10
N ASP C 473 -28.38 4.24 26.66
CA ASP C 473 -28.41 2.98 27.40
C ASP C 473 -27.07 2.22 27.49
N ILE C 474 -26.02 2.72 26.83
CA ILE C 474 -24.74 2.04 26.89
C ILE C 474 -23.60 2.96 27.30
N VAL C 475 -23.96 4.09 27.90
CA VAL C 475 -22.99 5.05 28.39
C VAL C 475 -22.90 4.94 29.91
N ASP C 476 -21.68 4.88 30.44
CA ASP C 476 -21.46 4.77 31.87
C ASP C 476 -20.01 5.18 32.19
N PRO C 477 -19.82 6.00 33.23
CA PRO C 477 -18.51 6.50 33.65
C PRO C 477 -17.47 5.47 34.06
N LYS C 478 -17.91 4.32 34.56
CA LYS C 478 -16.94 3.32 35.02
C LYS C 478 -17.20 1.85 34.69
N LYS C 479 -18.41 1.52 34.27
CA LYS C 479 -18.73 0.13 33.97
C LYS C 479 -17.90 -0.46 32.84
N LEU C 480 -17.38 -1.67 33.06
CA LEU C 480 -16.57 -2.36 32.07
C LEU C 480 -17.33 -2.52 30.75
N GLY C 481 -16.71 -2.12 29.64
CA GLY C 481 -17.35 -2.28 28.34
C GLY C 481 -18.33 -1.20 27.93
N TYR C 482 -18.73 -0.36 28.87
CA TYR C 482 -19.66 0.73 28.57
C TYR C 482 -18.90 1.94 28.05
N TRP C 483 -19.61 2.81 27.36
CA TRP C 483 -19.00 4.01 26.82
C TRP C 483 -19.00 5.08 27.89
N ALA C 484 -17.82 5.57 28.23
CA ALA C 484 -17.69 6.62 29.23
C ALA C 484 -17.53 7.95 28.47
N HIS C 485 -18.34 8.94 28.84
CA HIS C 485 -18.27 10.27 28.22
C HIS C 485 -16.99 10.85 28.78
N GLU C 486 -15.98 11.04 27.93
CA GLU C 486 -14.67 11.52 28.38
C GLU C 486 -14.36 13.00 28.28
N SER C 487 -15.10 13.73 27.46
CA SER C 487 -14.84 15.17 27.37
C SER C 487 -15.72 15.81 26.35
N THR C 488 -15.78 17.12 26.38
CA THR C 488 -16.52 17.90 25.41
C THR C 488 -15.55 18.97 24.99
N PHE C 489 -15.52 19.31 23.71
CA PHE C 489 -14.62 20.34 23.23
C PHE C 489 -15.38 21.48 22.55
N LYS C 490 -14.86 22.69 22.67
CA LYS C 490 -15.46 23.84 22.04
C LYS C 490 -15.20 23.90 20.53
N ARG C 491 -14.05 23.39 20.08
CA ARG C 491 -13.69 23.44 18.66
C ARG C 491 -12.58 22.45 18.52
N ALA C 492 -12.35 22.01 17.29
CA ALA C 492 -11.32 21.01 17.03
C ALA C 492 -10.98 21.00 15.55
N LYS C 493 -9.92 20.28 15.23
CA LYS C 493 -9.49 20.15 13.85
C LYS C 493 -8.82 18.80 13.66
N TYR C 494 -9.31 18.05 12.68
CA TYR C 494 -8.78 16.74 12.38
C TYR C 494 -8.09 16.75 11.03
N LEU C 495 -6.78 16.56 11.01
CA LEU C 495 -6.05 16.58 9.74
C LEU C 495 -5.98 15.17 9.14
N ARG C 496 -5.75 14.17 9.99
CA ARG C 496 -5.63 12.78 9.56
C ARG C 496 -5.75 11.85 10.75
N GLN C 497 -5.66 10.56 10.50
CA GLN C 497 -5.75 9.57 11.57
C GLN C 497 -4.75 9.88 12.67
N LYS C 498 -5.22 9.90 13.90
CA LYS C 498 -4.37 10.17 15.05
C LYS C 498 -3.68 11.54 14.98
N THR C 499 -4.25 12.46 14.19
CA THR C 499 -3.68 13.78 14.03
C THR C 499 -4.74 14.89 14.16
N TYR C 500 -5.08 15.25 15.39
CA TYR C 500 -6.09 16.27 15.62
C TYR C 500 -5.80 17.16 16.83
N ILE C 501 -6.54 18.27 16.93
CA ILE C 501 -6.39 19.22 18.05
C ILE C 501 -7.76 19.62 18.59
N GLN C 502 -7.85 19.78 19.92
CA GLN C 502 -9.11 20.16 20.55
C GLN C 502 -8.93 21.17 21.69
N ASP C 503 -9.98 21.96 21.94
CA ASP C 503 -10.03 22.91 23.05
C ASP C 503 -11.04 22.28 24.02
N ILE C 504 -10.51 21.63 25.05
CA ILE C 504 -11.30 20.93 26.05
C ILE C 504 -11.77 21.71 27.27
N TYR C 505 -13.07 21.69 27.53
CA TYR C 505 -13.61 22.38 28.68
C TYR C 505 -13.03 21.72 29.93
N MET C 506 -12.27 22.47 30.72
CA MET C 506 -11.66 21.89 31.90
C MET C 506 -12.23 22.45 33.19
N LYS C 507 -13.14 21.68 33.77
CA LYS C 507 -13.85 22.07 35.00
C LYS C 507 -13.03 22.88 36.02
N GLU C 508 -13.65 23.92 36.61
CA GLU C 508 -12.94 24.64 37.66
C GLU C 508 -12.26 23.54 38.47
N VAL C 509 -11.14 23.91 39.04
CA VAL C 509 -10.24 23.12 39.84
C VAL C 509 -10.45 23.41 41.31
N ASP C 510 -10.86 22.43 42.15
CA ASP C 510 -11.09 22.66 43.59
C ASP C 510 -9.79 22.21 44.24
N GLY C 511 -8.74 22.37 43.46
CA GLY C 511 -7.45 21.90 43.88
C GLY C 511 -6.83 21.15 42.73
N LYS C 512 -7.67 20.59 41.83
CA LYS C 512 -7.16 19.85 40.68
C LYS C 512 -8.08 19.76 39.42
N LEU C 513 -7.54 20.18 38.28
CA LEU C 513 -8.18 20.27 36.94
C LEU C 513 -8.82 18.96 36.41
N VAL C 514 -10.07 19.07 35.94
CA VAL C 514 -10.77 17.93 35.35
C VAL C 514 -11.60 18.33 34.14
N GLU C 515 -12.11 17.33 33.42
CA GLU C 515 -12.92 17.60 32.25
C GLU C 515 -14.22 18.21 32.73
N GLY C 516 -14.63 19.29 32.07
CA GLY C 516 -15.88 19.93 32.45
C GLY C 516 -16.85 19.92 31.28
N SER C 517 -18.02 20.50 31.47
CA SER C 517 -19.06 20.56 30.46
C SER C 517 -19.23 22.00 29.98
N PRO C 518 -19.82 22.19 28.80
CA PRO C 518 -20.02 23.55 28.29
C PRO C 518 -20.74 24.50 29.28
N ASP C 519 -21.34 23.96 30.31
CA ASP C 519 -22.02 24.78 31.32
C ASP C 519 -21.10 24.99 32.53
N ASP C 520 -20.63 23.89 33.10
CA ASP C 520 -19.75 23.94 34.26
C ASP C 520 -18.28 23.72 33.94
N TYR C 521 -17.58 24.80 33.63
CA TYR C 521 -16.16 24.71 33.31
C TYR C 521 -15.46 25.99 33.73
N THR C 522 -14.13 25.98 33.72
CA THR C 522 -13.35 27.16 34.10
C THR C 522 -12.27 27.49 33.09
N ASP C 523 -11.59 26.45 32.63
CA ASP C 523 -10.52 26.65 31.66
C ASP C 523 -10.86 25.99 30.34
N ILE C 524 -10.12 26.38 29.31
CA ILE C 524 -10.28 25.84 27.97
C ILE C 524 -8.90 25.35 27.55
N LYS C 525 -8.59 24.10 27.92
CA LYS C 525 -7.31 23.50 27.61
C LYS C 525 -7.13 23.09 26.17
N PHE C 526 -5.99 23.48 25.61
CA PHE C 526 -5.66 23.12 24.24
C PHE C 526 -4.80 21.85 24.30
N SER C 527 -5.22 20.80 23.61
CA SER C 527 -4.45 19.56 23.60
C SER C 527 -4.24 19.10 22.16
N VAL C 528 -3.05 18.56 21.89
CA VAL C 528 -2.73 18.09 20.55
C VAL C 528 -2.36 16.61 20.56
N LYS C 529 -2.81 15.91 19.54
CA LYS C 529 -2.52 14.50 19.38
C LYS C 529 -1.94 14.36 17.99
N CYS C 530 -0.70 13.90 17.91
CA CYS C 530 -0.04 13.74 16.62
C CYS C 530 0.98 12.61 16.64
N ALA C 531 1.05 11.92 15.50
CA ALA C 531 1.96 10.81 15.27
C ALA C 531 3.28 10.92 16.05
N GLY C 532 4.34 11.41 15.43
CA GLY C 532 5.59 11.51 16.18
C GLY C 532 5.91 12.92 16.63
N MET C 533 4.94 13.57 17.27
CA MET C 533 5.17 14.93 17.74
C MET C 533 5.52 14.95 19.23
N THR C 534 6.64 15.61 19.55
CA THR C 534 7.11 15.70 20.92
C THR C 534 6.41 16.82 21.69
N ASP C 535 6.53 16.78 23.02
CA ASP C 535 5.92 17.79 23.86
C ASP C 535 6.56 19.15 23.59
N LYS C 536 7.77 19.11 23.03
CA LYS C 536 8.51 20.32 22.71
C LYS C 536 7.92 20.95 21.46
N ILE C 537 7.58 20.12 20.49
CA ILE C 537 6.99 20.64 19.26
C ILE C 537 5.53 21.00 19.45
N LYS C 538 4.79 20.18 20.21
CA LYS C 538 3.38 20.46 20.45
C LYS C 538 3.22 21.87 21.00
N LYS C 539 4.18 22.30 21.83
CA LYS C 539 4.14 23.63 22.41
C LYS C 539 4.48 24.69 21.36
N GLU C 540 3.95 24.52 20.16
CA GLU C 540 4.17 25.46 19.05
C GLU C 540 3.03 25.30 18.06
N VAL C 541 2.11 24.41 18.41
CA VAL C 541 0.94 24.14 17.58
C VAL C 541 -0.14 25.17 17.92
N THR C 542 -0.71 25.77 16.88
CA THR C 542 -1.78 26.75 17.04
C THR C 542 -2.87 26.42 16.02
N PHE C 543 -4.11 26.77 16.32
CA PHE C 543 -5.21 26.46 15.41
C PHE C 543 -5.07 26.83 13.95
N GLU C 544 -4.26 27.83 13.62
CA GLU C 544 -4.09 28.13 12.20
C GLU C 544 -2.69 27.81 11.74
N ASN C 545 -1.96 27.14 12.63
CA ASN C 545 -0.60 26.69 12.38
C ASN C 545 -0.73 25.22 12.04
N PHE C 546 -1.60 24.56 12.79
CA PHE C 546 -1.86 23.11 12.65
C PHE C 546 -2.50 22.73 11.31
N LYS C 547 -1.68 22.24 10.39
CA LYS C 547 -2.15 21.83 9.08
C LYS C 547 -1.04 21.05 8.38
N VAL C 548 -1.43 20.25 7.39
CA VAL C 548 -0.45 19.43 6.67
C VAL C 548 0.66 20.36 6.19
N GLY C 549 1.90 19.93 6.35
CA GLY C 549 3.02 20.76 5.93
C GLY C 549 3.77 21.31 7.13
N PHE C 550 3.07 21.44 8.25
CA PHE C 550 3.71 21.94 9.47
C PHE C 550 5.00 21.15 9.73
N SER C 551 6.09 21.86 10.01
CA SER C 551 7.36 21.18 10.27
C SER C 551 8.27 21.96 11.21
N ARG C 552 9.28 21.28 11.74
CA ARG C 552 10.21 21.91 12.67
C ARG C 552 11.35 20.95 13.02
N LYS C 553 12.58 21.47 13.07
CA LYS C 553 13.75 20.65 13.39
C LYS C 553 14.06 20.58 14.90
N MET C 554 13.19 19.91 15.64
CA MET C 554 13.36 19.78 17.09
C MET C 554 13.11 18.35 17.54
N LYS C 555 12.92 17.44 16.58
CA LYS C 555 12.67 16.05 16.90
C LYS C 555 13.97 15.25 16.93
N PRO C 556 14.45 14.93 18.14
CA PRO C 556 15.68 14.16 18.29
C PRO C 556 15.50 12.74 17.76
N LYS C 557 16.56 12.20 17.17
CA LYS C 557 16.54 10.85 16.63
C LYS C 557 17.89 10.20 16.80
N PRO C 558 17.91 8.95 17.25
CA PRO C 558 19.15 8.21 17.46
C PRO C 558 19.93 8.07 16.16
N VAL C 559 21.24 7.98 16.28
CA VAL C 559 22.13 7.81 15.14
C VAL C 559 23.33 7.02 15.61
N GLN C 560 23.61 5.90 14.93
CA GLN C 560 24.77 5.10 15.28
C GLN C 560 26.05 5.82 14.81
N VAL C 561 26.95 6.06 15.76
CA VAL C 561 28.21 6.72 15.47
C VAL C 561 29.26 5.91 16.23
N PRO C 562 30.55 6.10 15.91
CA PRO C 562 31.60 5.36 16.63
C PRO C 562 31.38 5.56 18.13
N GLY C 563 31.55 4.57 18.97
CA GLY C 563 31.26 4.85 20.38
C GLY C 563 29.89 4.28 20.72
N GLY C 564 28.85 4.77 20.04
CA GLY C 564 27.52 4.27 20.31
C GLY C 564 26.44 5.07 19.61
N VAL C 565 25.44 5.46 20.39
CA VAL C 565 24.35 6.23 19.84
C VAL C 565 24.35 7.66 20.36
N VAL C 566 23.94 8.58 19.51
CA VAL C 566 23.85 9.98 19.85
C VAL C 566 22.50 10.46 19.31
N LEU C 567 21.91 11.45 19.95
CA LEU C 567 20.63 11.97 19.50
C LEU C 567 20.85 13.25 18.70
N VAL C 568 20.27 13.28 17.50
CA VAL C 568 20.40 14.45 16.63
C VAL C 568 18.99 14.97 16.33
N ASP C 569 18.89 16.25 15.97
CA ASP C 569 17.61 16.84 15.67
C ASP C 569 17.23 16.59 14.21
N ASP C 570 16.03 16.06 13.99
CA ASP C 570 15.55 15.81 12.63
C ASP C 570 14.21 16.47 12.41
N THR C 571 14.03 17.02 11.21
CA THR C 571 12.81 17.71 10.84
C THR C 571 11.55 16.86 10.93
N PHE C 572 10.63 17.26 11.79
CA PHE C 572 9.36 16.57 11.94
C PHE C 572 8.35 17.34 11.10
N THR C 573 7.61 16.64 10.26
CA THR C 573 6.63 17.32 9.42
C THR C 573 5.32 16.56 9.37
N ILE C 574 4.22 17.31 9.48
CA ILE C 574 2.90 16.71 9.42
C ILE C 574 2.53 16.61 7.95
N LYS C 575 2.55 15.38 7.45
CA LYS C 575 2.22 15.11 6.05
C LYS C 575 0.87 14.38 5.91
N PRO D 5 -10.65 -19.17 -46.21
CA PRO D 5 -11.12 -19.92 -45.06
C PRO D 5 -12.07 -19.11 -44.18
N ARG D 6 -11.52 -18.34 -43.24
CA ARG D 6 -12.36 -17.57 -42.34
C ARG D 6 -12.75 -16.17 -42.79
N LYS D 7 -14.06 -15.90 -42.79
CA LYS D 7 -14.56 -14.58 -43.13
C LYS D 7 -14.35 -13.66 -41.93
N MET D 8 -14.42 -12.36 -42.14
CA MET D 8 -14.21 -11.41 -41.04
C MET D 8 -15.24 -10.32 -41.10
N TYR D 9 -15.97 -10.13 -40.01
CA TYR D 9 -16.99 -9.09 -40.00
C TYR D 9 -16.76 -8.03 -38.92
N SER D 10 -17.34 -6.86 -39.17
CA SER D 10 -17.27 -5.72 -38.28
C SER D 10 -18.70 -5.53 -37.78
N CYS D 11 -18.93 -5.80 -36.49
CA CYS D 11 -20.29 -5.70 -35.92
C CYS D 11 -20.52 -4.63 -34.89
N ALA D 12 -21.79 -4.39 -34.60
CA ALA D 12 -22.16 -3.41 -33.61
C ALA D 12 -23.62 -3.57 -33.16
N PHE D 13 -23.89 -3.18 -31.91
CA PHE D 13 -25.23 -3.25 -31.32
C PHE D 13 -25.64 -1.84 -30.91
N GLU D 14 -26.95 -1.66 -30.77
CA GLU D 14 -27.56 -0.46 -30.33
C GLU D 14 -28.47 -0.94 -29.22
N THR D 15 -28.25 -0.53 -27.98
CA THR D 15 -29.05 -1.00 -26.86
C THR D 15 -29.87 0.05 -26.10
N THR D 16 -30.79 -0.45 -25.27
CA THR D 16 -31.65 0.41 -24.47
C THR D 16 -30.87 0.91 -23.26
N THR D 17 -31.35 1.97 -22.62
CA THR D 17 -30.65 2.52 -21.46
C THR D 17 -31.34 2.32 -20.11
N LYS D 18 -32.50 1.68 -20.12
CA LYS D 18 -33.23 1.45 -18.87
C LYS D 18 -32.75 0.17 -18.17
N VAL D 19 -32.44 0.29 -16.89
CA VAL D 19 -31.97 -0.84 -16.10
C VAL D 19 -32.97 -1.99 -16.10
N GLU D 20 -34.25 -1.67 -16.07
CA GLU D 20 -35.28 -2.71 -16.05
C GLU D 20 -35.72 -3.15 -17.44
N ASP D 21 -35.24 -2.46 -18.48
CA ASP D 21 -35.58 -2.81 -19.85
C ASP D 21 -34.36 -2.69 -20.75
N CYS D 22 -33.35 -3.48 -20.42
CA CYS D 22 -32.10 -3.51 -21.15
C CYS D 22 -32.16 -4.52 -22.27
N ARG D 23 -31.99 -4.06 -23.51
CA ARG D 23 -31.99 -4.94 -24.66
C ARG D 23 -31.39 -4.28 -25.90
N VAL D 24 -31.06 -5.13 -26.87
CA VAL D 24 -30.49 -4.71 -28.14
C VAL D 24 -31.61 -4.39 -29.12
N TRP D 25 -31.73 -3.13 -29.54
CA TRP D 25 -32.79 -2.78 -30.49
C TRP D 25 -32.33 -2.68 -31.95
N ALA D 26 -31.03 -2.81 -32.18
CA ALA D 26 -30.50 -2.78 -33.54
C ALA D 26 -29.12 -3.36 -33.56
N TYR D 27 -28.83 -4.09 -34.62
CA TYR D 27 -27.53 -4.69 -34.79
C TYR D 27 -27.13 -4.49 -36.23
N GLY D 28 -25.86 -4.81 -36.52
CA GLY D 28 -25.35 -4.70 -37.87
C GLY D 28 -24.00 -5.40 -38.01
N TYR D 29 -23.76 -6.02 -39.17
CA TYR D 29 -22.47 -6.66 -39.42
C TYR D 29 -22.10 -6.36 -40.88
N MET D 30 -20.81 -6.24 -41.14
CA MET D 30 -20.32 -5.96 -42.48
C MET D 30 -19.07 -6.80 -42.75
N ASN D 31 -19.00 -7.36 -43.95
CA ASN D 31 -17.84 -8.15 -44.31
C ASN D 31 -16.65 -7.24 -44.52
N ILE D 32 -15.73 -7.25 -43.57
CA ILE D 32 -14.52 -6.43 -43.63
C ILE D 32 -13.84 -6.40 -44.98
N GLU D 33 -13.80 -7.55 -45.67
CA GLU D 33 -13.17 -7.62 -46.98
C GLU D 33 -14.11 -7.20 -48.11
N ASP D 34 -15.40 -7.46 -47.95
CA ASP D 34 -16.38 -7.09 -48.97
C ASP D 34 -17.46 -6.23 -48.35
N HIS D 35 -17.25 -4.92 -48.34
CA HIS D 35 -18.20 -4.02 -47.73
C HIS D 35 -19.57 -3.96 -48.40
N SER D 36 -19.80 -4.82 -49.40
CA SER D 36 -21.10 -4.83 -50.06
C SER D 36 -21.99 -5.82 -49.32
N GLU D 37 -21.37 -6.72 -48.57
CA GLU D 37 -22.08 -7.72 -47.80
C GLU D 37 -22.28 -7.20 -46.37
N TYR D 38 -23.52 -6.89 -46.00
CA TYR D 38 -23.79 -6.38 -44.67
C TYR D 38 -25.29 -6.42 -44.36
N LYS D 39 -25.64 -6.47 -43.08
CA LYS D 39 -27.04 -6.50 -42.67
C LYS D 39 -27.30 -5.68 -41.40
N ILE D 40 -28.47 -5.05 -41.33
CA ILE D 40 -28.86 -4.25 -40.19
C ILE D 40 -30.28 -4.63 -39.80
N GLY D 41 -30.44 -5.15 -38.59
CA GLY D 41 -31.76 -5.56 -38.12
C GLY D 41 -32.06 -5.11 -36.71
N ASN D 42 -33.27 -5.43 -36.23
CA ASN D 42 -33.68 -5.02 -34.89
C ASN D 42 -33.99 -6.19 -33.96
N SER D 43 -33.34 -7.33 -34.16
CA SER D 43 -33.58 -8.52 -33.35
C SER D 43 -32.30 -9.30 -33.02
N LEU D 44 -31.90 -9.28 -31.75
CA LEU D 44 -30.69 -9.99 -31.31
C LEU D 44 -30.77 -11.50 -31.54
N ASP D 45 -32.00 -12.01 -31.50
CA ASP D 45 -32.25 -13.42 -31.74
C ASP D 45 -31.84 -13.70 -33.16
N GLU D 46 -32.23 -12.81 -34.07
CA GLU D 46 -31.89 -12.98 -35.48
C GLU D 46 -30.40 -12.90 -35.68
N PHE D 47 -29.79 -11.92 -35.04
CA PHE D 47 -28.33 -11.78 -35.12
C PHE D 47 -27.56 -13.01 -34.64
N MET D 48 -27.92 -13.56 -33.48
CA MET D 48 -27.24 -14.74 -32.93
C MET D 48 -27.47 -15.97 -33.77
N ALA D 49 -28.64 -16.07 -34.37
CA ALA D 49 -28.94 -17.22 -35.21
C ALA D 49 -27.88 -17.25 -36.33
N TRP D 50 -27.60 -16.05 -36.85
CA TRP D 50 -26.60 -15.85 -37.88
C TRP D 50 -25.23 -16.17 -37.29
N VAL D 51 -24.94 -15.64 -36.10
CA VAL D 51 -23.66 -15.87 -35.44
C VAL D 51 -23.31 -17.36 -35.35
N LEU D 52 -24.28 -18.14 -34.89
CA LEU D 52 -24.11 -19.58 -34.74
C LEU D 52 -23.85 -20.28 -36.08
N LYS D 53 -24.37 -19.74 -37.18
CA LYS D 53 -24.20 -20.36 -38.50
C LYS D 53 -22.92 -19.96 -39.24
N VAL D 54 -22.59 -18.66 -39.20
CA VAL D 54 -21.44 -18.09 -39.91
C VAL D 54 -20.04 -18.48 -39.45
N GLN D 55 -19.59 -19.70 -39.56
CA GLN D 55 -18.23 -20.00 -39.11
C GLN D 55 -17.16 -18.95 -39.50
N ALA D 56 -17.06 -17.87 -38.74
CA ALA D 56 -16.10 -16.82 -39.04
C ALA D 56 -15.57 -16.09 -37.79
N ASP D 57 -14.88 -14.98 -38.02
CA ASP D 57 -14.32 -14.14 -36.96
C ASP D 57 -15.05 -12.80 -36.98
N LEU D 58 -15.66 -12.44 -35.86
CA LEU D 58 -16.40 -11.17 -35.78
C LEU D 58 -15.67 -10.17 -34.88
N TYR D 59 -15.85 -8.89 -35.17
CA TYR D 59 -15.18 -7.86 -34.36
C TYR D 59 -16.18 -6.85 -33.89
N PHE D 60 -16.12 -6.55 -32.59
CA PHE D 60 -16.99 -5.56 -31.98
C PHE D 60 -16.04 -4.51 -31.41
N HIS D 61 -16.36 -3.24 -31.56
CA HIS D 61 -15.49 -2.20 -31.03
C HIS D 61 -15.89 -2.00 -29.56
N ASN D 62 -15.01 -2.46 -28.67
CA ASN D 62 -15.22 -2.43 -27.22
C ASN D 62 -16.13 -3.62 -26.87
N LEU D 63 -15.57 -4.82 -27.02
CA LEU D 63 -16.26 -6.08 -26.78
C LEU D 63 -16.84 -6.22 -25.37
N LYS D 64 -16.19 -5.59 -24.40
CA LYS D 64 -16.63 -5.63 -23.01
C LYS D 64 -18.10 -5.24 -22.88
N PHE D 65 -18.59 -4.44 -23.82
CA PHE D 65 -19.98 -4.00 -23.79
C PHE D 65 -20.85 -4.99 -24.54
N ALA D 66 -20.59 -5.14 -25.83
CA ALA D 66 -21.36 -6.03 -26.69
C ALA D 66 -21.33 -7.47 -26.20
N GLY D 67 -20.17 -7.90 -25.72
CA GLY D 67 -20.01 -9.26 -25.24
C GLY D 67 -20.89 -9.63 -24.06
N ALA D 68 -21.43 -8.65 -23.34
CA ALA D 68 -22.29 -8.98 -22.21
C ALA D 68 -23.63 -9.44 -22.76
N PHE D 69 -24.17 -8.71 -23.72
CA PHE D 69 -25.44 -9.08 -24.31
C PHE D 69 -25.32 -10.44 -24.99
N ILE D 70 -24.14 -10.71 -25.54
CA ILE D 70 -23.90 -11.98 -26.25
C ILE D 70 -23.89 -13.17 -25.30
N ILE D 71 -23.14 -13.09 -24.21
CA ILE D 71 -23.07 -14.19 -23.26
C ILE D 71 -24.42 -14.40 -22.60
N ASN D 72 -25.18 -13.32 -22.40
CA ASN D 72 -26.49 -13.43 -21.78
C ASN D 72 -27.37 -14.30 -22.67
N TRP D 73 -27.25 -14.13 -23.99
CA TRP D 73 -28.03 -14.89 -24.95
C TRP D 73 -27.56 -16.36 -25.00
N LEU D 74 -26.26 -16.57 -25.00
CA LEU D 74 -25.70 -17.90 -25.05
C LEU D 74 -26.16 -18.74 -23.85
N GLU D 75 -26.02 -18.18 -22.66
CA GLU D 75 -26.42 -18.85 -21.42
C GLU D 75 -27.89 -19.23 -21.34
N ARG D 76 -28.75 -18.50 -22.05
CA ARG D 76 -30.17 -18.80 -22.03
C ARG D 76 -30.56 -19.80 -23.11
N ASN D 77 -29.65 -20.04 -24.04
CA ASN D 77 -29.96 -20.92 -25.14
C ASN D 77 -29.11 -22.18 -25.29
N GLY D 78 -28.94 -22.90 -24.19
CA GLY D 78 -28.20 -24.15 -24.25
C GLY D 78 -26.70 -24.12 -24.24
N PHE D 79 -26.12 -22.94 -24.04
CA PHE D 79 -24.66 -22.82 -24.00
C PHE D 79 -24.14 -22.51 -22.61
N LYS D 80 -23.04 -23.15 -22.27
CA LYS D 80 -22.40 -22.95 -20.97
C LYS D 80 -20.91 -22.72 -21.18
N TRP D 81 -20.27 -22.01 -20.26
CA TRP D 81 -18.84 -21.74 -20.37
C TRP D 81 -18.08 -23.07 -20.28
N SER D 82 -17.05 -23.22 -21.09
CA SER D 82 -16.23 -24.43 -21.05
C SER D 82 -14.80 -24.11 -21.40
N ALA D 83 -13.92 -24.29 -20.44
CA ALA D 83 -12.51 -24.02 -20.61
C ALA D 83 -11.84 -24.81 -21.74
N ASP D 84 -12.42 -25.98 -22.11
CA ASP D 84 -11.77 -26.79 -23.12
C ASP D 84 -12.60 -27.27 -24.32
N GLY D 85 -13.18 -26.31 -25.04
CA GLY D 85 -13.98 -26.48 -26.24
C GLY D 85 -14.78 -27.78 -26.46
N LEU D 86 -15.89 -27.91 -25.73
CA LEU D 86 -16.80 -29.01 -25.87
C LEU D 86 -17.94 -28.54 -26.75
N PRO D 87 -18.62 -29.43 -27.47
CA PRO D 87 -19.72 -28.97 -28.32
C PRO D 87 -20.77 -28.22 -27.50
N ASN D 88 -21.38 -27.21 -28.10
CA ASN D 88 -22.39 -26.38 -27.43
C ASN D 88 -21.91 -25.72 -26.14
N THR D 89 -20.70 -25.16 -26.21
CA THR D 89 -20.12 -24.45 -25.08
C THR D 89 -19.35 -23.28 -25.69
N TYR D 90 -18.93 -22.36 -24.83
CA TYR D 90 -18.15 -21.23 -25.32
C TYR D 90 -17.04 -20.98 -24.32
N ASN D 91 -15.89 -20.54 -24.82
CA ASN D 91 -14.75 -20.24 -23.97
C ASN D 91 -14.54 -18.72 -24.05
N THR D 92 -13.81 -18.15 -23.09
CA THR D 92 -13.58 -16.71 -23.12
C THR D 92 -12.22 -16.31 -22.60
N ILE D 93 -11.88 -15.05 -22.83
CA ILE D 93 -10.65 -14.49 -22.36
C ILE D 93 -10.99 -13.09 -21.87
N ILE D 94 -11.26 -13.01 -20.60
CA ILE D 94 -11.58 -11.80 -19.90
C ILE D 94 -10.57 -11.73 -18.79
N SER D 95 -9.84 -10.62 -18.66
CA SER D 95 -8.80 -10.53 -17.64
C SER D 95 -9.33 -10.25 -16.22
N ARG D 96 -8.42 -10.36 -15.26
CA ARG D 96 -8.75 -10.13 -13.86
C ARG D 96 -9.34 -8.71 -13.68
N MET D 97 -8.89 -7.77 -14.51
CA MET D 97 -9.36 -6.39 -14.41
C MET D 97 -10.61 -6.08 -15.20
N GLY D 98 -11.11 -7.07 -15.93
CA GLY D 98 -12.33 -6.87 -16.71
C GLY D 98 -12.15 -6.53 -18.17
N GLN D 99 -10.98 -6.82 -18.73
CA GLN D 99 -10.74 -6.52 -20.14
C GLN D 99 -11.13 -7.72 -21.01
N TRP D 100 -12.03 -7.50 -21.96
CA TRP D 100 -12.47 -8.57 -22.85
C TRP D 100 -11.60 -8.69 -24.10
N TYR D 101 -11.11 -9.91 -24.36
CA TYR D 101 -10.29 -10.17 -25.55
C TYR D 101 -10.91 -11.17 -26.54
N MET D 102 -11.75 -12.07 -26.06
CA MET D 102 -12.33 -13.08 -26.95
C MET D 102 -13.49 -13.96 -26.47
N ILE D 103 -14.43 -14.23 -27.38
CA ILE D 103 -15.56 -15.11 -27.12
C ILE D 103 -15.53 -16.16 -28.25
N ASP D 104 -15.12 -17.39 -27.92
CA ASP D 104 -15.02 -18.52 -28.86
C ASP D 104 -16.25 -19.43 -28.71
N ILE D 105 -17.14 -19.45 -29.70
CA ILE D 105 -18.34 -20.28 -29.60
C ILE D 105 -18.18 -21.58 -30.39
N CYS D 106 -18.02 -22.70 -29.70
CA CYS D 106 -17.85 -23.98 -30.36
C CYS D 106 -19.15 -24.76 -30.53
N LEU D 107 -19.62 -24.87 -31.76
CA LEU D 107 -20.86 -25.61 -32.02
C LEU D 107 -20.55 -27.10 -32.02
N GLY D 108 -19.32 -27.45 -32.39
CA GLY D 108 -18.90 -28.84 -32.44
C GLY D 108 -17.79 -29.04 -33.46
N TYR D 109 -17.36 -30.29 -33.66
CA TYR D 109 -16.30 -30.60 -34.62
C TYR D 109 -16.77 -31.39 -35.85
N LYS D 110 -15.96 -31.37 -36.92
CA LYS D 110 -16.26 -32.10 -38.15
C LYS D 110 -15.29 -33.27 -38.22
N GLY D 111 -14.23 -33.11 -39.01
CA GLY D 111 -13.23 -34.16 -39.11
C GLY D 111 -12.51 -34.16 -37.77
N LYS D 112 -11.86 -33.05 -37.49
CA LYS D 112 -11.15 -32.83 -36.24
C LYS D 112 -10.92 -31.33 -36.19
N ARG D 113 -11.58 -30.64 -37.11
CA ARG D 113 -11.52 -29.18 -37.20
C ARG D 113 -12.75 -28.68 -36.45
N LYS D 114 -12.54 -27.70 -35.58
CA LYS D 114 -13.60 -27.12 -34.76
C LYS D 114 -14.60 -26.27 -35.53
N ILE D 115 -15.90 -26.46 -35.26
CA ILE D 115 -16.91 -25.64 -35.89
C ILE D 115 -17.20 -24.49 -34.93
N HIS D 116 -16.62 -23.33 -35.17
CA HIS D 116 -16.88 -22.22 -34.28
C HIS D 116 -16.95 -20.85 -34.91
N THR D 117 -17.35 -19.93 -34.06
CA THR D 117 -17.49 -18.53 -34.41
C THR D 117 -16.78 -17.77 -33.29
N VAL D 118 -15.65 -17.11 -33.60
CA VAL D 118 -14.93 -16.39 -32.55
C VAL D 118 -15.17 -14.89 -32.66
N ILE D 119 -15.45 -14.25 -31.52
CA ILE D 119 -15.72 -12.80 -31.48
C ILE D 119 -14.53 -12.11 -30.84
N TYR D 120 -14.04 -11.03 -31.44
CA TYR D 120 -12.91 -10.30 -30.88
C TYR D 120 -13.25 -8.84 -30.64
N ASP D 121 -12.33 -8.12 -30.01
CA ASP D 121 -12.51 -6.70 -29.71
C ASP D 121 -11.65 -5.87 -30.68
N SER D 122 -12.27 -5.10 -31.56
CA SER D 122 -11.47 -4.31 -32.50
C SER D 122 -10.77 -3.19 -31.75
N LEU D 123 -11.28 -2.88 -30.56
CA LEU D 123 -10.68 -1.83 -29.74
C LEU D 123 -9.27 -2.23 -29.30
N LYS D 124 -8.93 -3.51 -29.44
CA LYS D 124 -7.58 -3.98 -29.08
C LYS D 124 -6.63 -3.87 -30.28
N LYS D 125 -7.18 -3.82 -31.48
CA LYS D 125 -6.33 -3.67 -32.66
C LYS D 125 -6.19 -2.20 -33.02
N LEU D 126 -7.25 -1.44 -32.78
CA LEU D 126 -7.32 0.00 -33.07
C LEU D 126 -7.83 0.62 -31.79
N PRO D 127 -6.91 0.92 -30.86
CA PRO D 127 -7.19 1.51 -29.55
C PRO D 127 -7.66 2.95 -29.50
N PHE D 128 -8.69 3.27 -30.28
CA PHE D 128 -9.23 4.63 -30.27
C PHE D 128 -10.74 4.55 -30.48
N PRO D 129 -11.44 5.66 -30.21
CA PRO D 129 -12.90 5.66 -30.40
C PRO D 129 -13.16 5.65 -31.90
N VAL D 130 -14.36 5.25 -32.29
CA VAL D 130 -14.72 5.18 -33.71
C VAL D 130 -14.56 6.52 -34.41
N LYS D 131 -15.03 7.59 -33.77
CA LYS D 131 -14.93 8.91 -34.38
C LYS D 131 -13.46 9.27 -34.61
N LYS D 132 -12.64 9.14 -33.58
CA LYS D 132 -11.22 9.45 -33.72
C LYS D 132 -10.62 8.66 -34.89
N ILE D 133 -10.89 7.35 -34.94
CA ILE D 133 -10.39 6.48 -35.99
C ILE D 133 -10.84 6.99 -37.35
N ALA D 134 -12.03 7.58 -37.39
CA ALA D 134 -12.58 8.08 -38.64
C ALA D 134 -11.80 9.32 -39.09
N LYS D 135 -11.51 10.18 -38.14
CA LYS D 135 -10.77 11.40 -38.42
C LYS D 135 -9.33 11.10 -38.81
N ASP D 136 -8.59 10.46 -37.92
CA ASP D 136 -7.19 10.12 -38.16
C ASP D 136 -6.94 9.24 -39.39
N PHE D 137 -7.85 8.33 -39.70
CA PHE D 137 -7.67 7.46 -40.88
C PHE D 137 -8.26 8.09 -42.13
N LYS D 138 -8.81 9.28 -41.96
CA LYS D 138 -9.44 10.03 -43.05
C LYS D 138 -10.47 9.17 -43.77
N LEU D 139 -11.48 8.77 -42.99
CA LEU D 139 -12.59 7.95 -43.47
C LEU D 139 -13.89 8.73 -43.30
N THR D 140 -14.80 8.61 -44.27
CA THR D 140 -16.09 9.30 -44.25
C THR D 140 -16.91 8.96 -43.01
N VAL D 141 -17.32 9.99 -42.28
CA VAL D 141 -18.12 9.81 -41.06
C VAL D 141 -19.37 10.69 -41.03
N LEU D 142 -20.51 10.08 -40.74
CA LEU D 142 -21.77 10.82 -40.67
C LEU D 142 -21.79 11.77 -39.50
N LYS D 143 -22.14 13.00 -39.80
CA LYS D 143 -22.21 14.07 -38.82
C LYS D 143 -23.34 13.80 -37.83
N GLY D 144 -23.06 13.94 -36.54
CA GLY D 144 -24.09 13.71 -35.53
C GLY D 144 -24.24 12.25 -35.12
N ASP D 145 -25.29 11.96 -34.36
CA ASP D 145 -25.52 10.60 -33.89
C ASP D 145 -26.94 10.35 -33.40
N ILE D 146 -27.25 9.06 -33.27
CA ILE D 146 -28.56 8.59 -32.84
C ILE D 146 -29.00 9.20 -31.52
N ASP D 147 -30.29 9.52 -31.42
CA ASP D 147 -30.82 10.07 -30.18
C ASP D 147 -30.80 8.89 -29.20
N TYR D 148 -29.61 8.63 -28.66
CA TYR D 148 -29.38 7.52 -27.72
C TYR D 148 -30.42 7.52 -26.64
N HIS D 149 -31.20 8.57 -26.70
CA HIS D 149 -32.17 8.93 -25.72
C HIS D 149 -33.63 8.85 -26.08
N LYS D 150 -33.98 8.08 -27.09
CA LYS D 150 -35.37 8.05 -27.45
C LYS D 150 -36.03 6.73 -27.08
N GLU D 151 -37.32 6.82 -26.78
CA GLU D 151 -38.11 5.67 -26.40
C GLU D 151 -38.15 4.60 -27.49
N ARG D 152 -37.68 3.40 -27.18
CA ARG D 152 -37.68 2.34 -28.17
C ARG D 152 -38.22 1.04 -27.59
N PRO D 153 -39.55 0.86 -27.65
CA PRO D 153 -40.26 -0.32 -27.15
C PRO D 153 -40.12 -1.56 -28.05
N VAL D 154 -40.51 -2.73 -27.55
CA VAL D 154 -40.43 -3.95 -28.35
C VAL D 154 -41.24 -3.66 -29.60
N GLY D 155 -40.70 -3.99 -30.76
CA GLY D 155 -41.41 -3.74 -32.00
C GLY D 155 -40.90 -2.50 -32.70
N TYR D 156 -40.01 -1.77 -32.04
CA TYR D 156 -39.44 -0.55 -32.62
C TYR D 156 -38.85 -0.76 -34.00
N LYS D 157 -39.19 0.14 -34.91
CA LYS D 157 -38.73 0.11 -36.28
C LYS D 157 -37.57 1.09 -36.49
N ILE D 158 -36.41 0.57 -36.85
CA ILE D 158 -35.23 1.40 -37.11
C ILE D 158 -35.52 2.36 -38.26
N THR D 159 -35.50 3.66 -37.99
CA THR D 159 -35.74 4.69 -39.01
C THR D 159 -34.56 4.72 -39.98
N PRO D 160 -34.79 5.15 -41.23
CA PRO D 160 -33.73 5.24 -42.23
C PRO D 160 -32.49 6.01 -41.76
N GLU D 161 -32.71 7.06 -40.98
CA GLU D 161 -31.59 7.83 -40.49
C GLU D 161 -30.70 7.01 -39.56
N GLU D 162 -31.31 6.43 -38.52
CA GLU D 162 -30.57 5.61 -37.57
C GLU D 162 -29.89 4.46 -38.31
N TYR D 163 -30.58 3.93 -39.33
CA TYR D 163 -30.05 2.84 -40.13
C TYR D 163 -28.72 3.23 -40.76
N ALA D 164 -28.59 4.50 -41.12
CA ALA D 164 -27.36 4.97 -41.74
C ALA D 164 -26.23 5.13 -40.73
N TYR D 165 -26.57 5.48 -39.50
CA TYR D 165 -25.55 5.64 -38.48
C TYR D 165 -24.94 4.32 -38.10
N ILE D 166 -25.75 3.26 -38.10
CA ILE D 166 -25.23 1.95 -37.78
C ILE D 166 -24.29 1.50 -38.89
N LYS D 167 -24.75 1.59 -40.13
CA LYS D 167 -23.92 1.21 -41.27
C LYS D 167 -22.61 2.00 -41.25
N ASN D 168 -22.69 3.30 -40.97
CA ASN D 168 -21.48 4.11 -40.94
C ASN D 168 -20.52 3.61 -39.86
N ASP D 169 -21.00 3.47 -38.63
CA ASP D 169 -20.18 3.00 -37.53
C ASP D 169 -19.46 1.70 -37.84
N ILE D 170 -20.18 0.70 -38.35
CA ILE D 170 -19.52 -0.56 -38.64
C ILE D 170 -18.66 -0.48 -39.89
N GLN D 171 -18.91 0.49 -40.76
CA GLN D 171 -18.12 0.60 -41.98
C GLN D 171 -16.79 1.27 -41.66
N ILE D 172 -16.83 2.27 -40.79
CA ILE D 172 -15.61 2.96 -40.38
C ILE D 172 -14.63 1.95 -39.81
N ILE D 173 -15.12 1.05 -38.96
CA ILE D 173 -14.26 0.02 -38.38
C ILE D 173 -13.83 -0.97 -39.44
N ALA D 174 -14.77 -1.33 -40.31
CA ALA D 174 -14.49 -2.27 -41.38
C ALA D 174 -13.38 -1.77 -42.33
N GLU D 175 -13.37 -0.47 -42.59
CA GLU D 175 -12.38 0.12 -43.48
C GLU D 175 -11.01 0.16 -42.83
N ALA D 176 -10.97 0.44 -41.54
CA ALA D 176 -9.70 0.47 -40.82
C ALA D 176 -9.11 -0.94 -40.69
N LEU D 177 -9.93 -1.90 -40.25
CA LEU D 177 -9.40 -3.24 -40.10
C LEU D 177 -8.86 -3.74 -41.43
N LEU D 178 -9.60 -3.49 -42.51
CA LEU D 178 -9.15 -3.92 -43.84
C LEU D 178 -7.79 -3.33 -44.17
N ILE D 179 -7.70 -2.00 -44.15
CA ILE D 179 -6.44 -1.32 -44.44
C ILE D 179 -5.35 -1.92 -43.57
N GLN D 180 -5.66 -2.15 -42.31
CA GLN D 180 -4.70 -2.73 -41.38
C GLN D 180 -4.29 -4.14 -41.82
N PHE D 181 -5.24 -5.00 -42.17
CA PHE D 181 -4.88 -6.34 -42.60
C PHE D 181 -4.11 -6.36 -43.92
N LYS D 182 -4.47 -5.45 -44.83
CA LYS D 182 -3.79 -5.39 -46.12
C LYS D 182 -2.32 -5.01 -45.95
N GLN D 183 -1.97 -4.54 -44.75
CA GLN D 183 -0.60 -4.16 -44.47
C GLN D 183 0.13 -5.27 -43.72
N GLY D 184 -0.49 -6.45 -43.68
CA GLY D 184 0.13 -7.57 -42.99
C GLY D 184 -0.04 -7.59 -41.48
N LEU D 185 -0.82 -6.65 -40.96
CA LEU D 185 -1.08 -6.59 -39.52
C LEU D 185 -2.29 -7.45 -39.24
N ASP D 186 -2.09 -8.76 -39.28
CA ASP D 186 -3.18 -9.70 -39.08
C ASP D 186 -3.13 -10.42 -37.74
N ARG D 187 -3.17 -9.68 -36.65
CA ARG D 187 -3.13 -10.26 -35.33
C ARG D 187 -4.37 -9.89 -34.55
N MET D 188 -4.48 -10.43 -33.34
CA MET D 188 -5.60 -10.16 -32.45
C MET D 188 -5.39 -8.81 -31.77
N THR D 189 -4.13 -8.47 -31.48
CA THR D 189 -3.83 -7.21 -30.82
C THR D 189 -2.83 -6.41 -31.62
N ALA D 190 -2.83 -5.09 -31.42
CA ALA D 190 -1.89 -4.22 -32.11
C ALA D 190 -0.53 -4.55 -31.53
N GLY D 191 -0.52 -4.93 -30.25
CA GLY D 191 0.71 -5.30 -29.59
C GLY D 191 1.34 -6.49 -30.28
N SER D 192 0.52 -7.49 -30.59
CA SER D 192 1.01 -8.70 -31.27
C SER D 192 1.38 -8.38 -32.71
N ASP D 193 0.75 -7.35 -33.30
CA ASP D 193 1.07 -6.96 -34.67
C ASP D 193 2.51 -6.41 -34.70
N SER D 194 2.92 -5.70 -33.65
CA SER D 194 4.28 -5.14 -33.60
C SER D 194 5.28 -6.28 -33.47
N LEU D 195 5.03 -7.18 -32.52
CA LEU D 195 5.92 -8.29 -32.31
C LEU D 195 6.09 -9.12 -33.60
N LYS D 196 5.01 -9.27 -34.35
CA LYS D 196 5.09 -10.00 -35.61
C LYS D 196 6.01 -9.25 -36.57
N GLY D 197 5.75 -7.95 -36.72
CA GLY D 197 6.57 -7.12 -37.60
C GLY D 197 8.01 -7.12 -37.16
N PHE D 198 8.24 -7.24 -35.86
CA PHE D 198 9.59 -7.25 -35.35
C PHE D 198 10.21 -8.61 -35.66
N LYS D 199 9.49 -9.67 -35.33
CA LYS D 199 10.02 -11.00 -35.59
C LYS D 199 10.26 -11.21 -37.08
N ASP D 200 9.46 -10.54 -37.91
CA ASP D 200 9.62 -10.69 -39.35
C ASP D 200 10.89 -10.02 -39.83
N ILE D 201 11.40 -9.09 -39.04
CA ILE D 201 12.61 -8.37 -39.44
C ILE D 201 13.92 -9.01 -39.01
N ILE D 202 13.92 -9.73 -37.89
CA ILE D 202 15.14 -10.38 -37.44
C ILE D 202 15.08 -11.91 -37.55
N THR D 203 13.94 -12.43 -38.02
CA THR D 203 13.68 -13.86 -38.17
C THR D 203 13.27 -14.53 -36.88
N THR D 204 12.47 -15.59 -37.01
CA THR D 204 12.00 -16.34 -35.85
C THR D 204 13.15 -17.19 -35.32
N LYS D 205 14.21 -17.30 -36.10
CA LYS D 205 15.37 -18.08 -35.71
C LYS D 205 16.25 -17.26 -34.76
N LYS D 206 16.51 -16.01 -35.12
CA LYS D 206 17.33 -15.17 -34.28
C LYS D 206 16.52 -14.74 -33.06
N PHE D 207 15.22 -14.55 -33.28
CA PHE D 207 14.31 -14.13 -32.22
C PHE D 207 14.39 -15.11 -31.05
N LYS D 208 14.25 -16.40 -31.37
CA LYS D 208 14.30 -17.45 -30.36
C LYS D 208 15.63 -17.48 -29.61
N LYS D 209 16.71 -17.21 -30.32
CA LYS D 209 18.01 -17.19 -29.69
C LYS D 209 18.20 -15.96 -28.82
N VAL D 210 17.74 -14.80 -29.29
CA VAL D 210 17.91 -13.57 -28.52
C VAL D 210 16.93 -13.42 -27.36
N PHE D 211 15.73 -13.96 -27.52
CA PHE D 211 14.72 -13.89 -26.47
C PHE D 211 14.24 -15.25 -25.96
N PRO D 212 15.12 -16.00 -25.28
CA PRO D 212 14.71 -17.32 -24.75
C PRO D 212 13.63 -17.25 -23.68
N THR D 213 13.06 -18.40 -23.32
CA THR D 213 12.01 -18.44 -22.29
C THR D 213 12.73 -18.82 -21.01
N LEU D 214 12.63 -17.96 -20.01
CA LEU D 214 13.32 -18.18 -18.76
C LEU D 214 12.47 -19.07 -17.89
N SER D 215 13.08 -19.59 -16.83
CA SER D 215 12.33 -20.45 -15.91
C SER D 215 11.31 -19.59 -15.16
N LEU D 216 10.31 -20.26 -14.59
CA LEU D 216 9.26 -19.56 -13.86
C LEU D 216 9.80 -18.73 -12.71
N GLY D 217 10.73 -19.30 -11.97
CA GLY D 217 11.30 -18.59 -10.84
C GLY D 217 12.26 -17.50 -11.26
N LEU D 218 12.95 -17.71 -12.37
CA LEU D 218 13.92 -16.74 -12.89
C LEU D 218 13.16 -15.51 -13.39
N ASP D 219 12.00 -15.76 -13.99
CA ASP D 219 11.17 -14.71 -14.53
C ASP D 219 10.61 -13.86 -13.38
N LYS D 220 10.23 -14.52 -12.29
CA LYS D 220 9.70 -13.85 -11.13
C LYS D 220 10.74 -12.94 -10.45
N GLU D 221 11.98 -13.37 -10.42
CA GLU D 221 13.00 -12.55 -9.80
C GLU D 221 13.25 -11.31 -10.68
N VAL D 222 13.20 -11.48 -12.00
CA VAL D 222 13.39 -10.38 -12.93
C VAL D 222 12.24 -9.36 -12.76
N ARG D 223 11.01 -9.87 -12.63
CA ARG D 223 9.82 -9.05 -12.46
C ARG D 223 9.87 -8.21 -11.19
N TYR D 224 10.64 -8.65 -10.20
CA TYR D 224 10.80 -7.89 -8.96
C TYR D 224 11.45 -6.54 -9.26
N ALA D 225 12.30 -6.50 -10.28
CA ALA D 225 13.02 -5.28 -10.63
C ALA D 225 12.28 -4.40 -11.64
N TYR D 226 11.09 -4.82 -12.02
CA TYR D 226 10.30 -4.07 -12.98
C TYR D 226 9.45 -2.97 -12.35
N ARG D 227 9.51 -1.79 -12.95
CA ARG D 227 8.71 -0.65 -12.48
C ARG D 227 8.15 0.06 -13.70
N GLY D 228 7.20 0.96 -13.48
CA GLY D 228 6.61 1.66 -14.60
C GLY D 228 7.21 3.03 -14.81
N GLY D 229 6.41 3.92 -15.35
CA GLY D 229 6.88 5.27 -15.59
C GLY D 229 7.09 6.05 -14.30
N PHE D 230 8.01 7.01 -14.35
CA PHE D 230 8.27 7.85 -13.19
C PHE D 230 7.25 9.00 -13.20
N THR D 231 6.32 8.97 -12.25
CA THR D 231 5.28 10.00 -12.13
C THR D 231 5.33 10.57 -10.73
N TRP D 232 5.86 11.78 -10.63
CA TRP D 232 6.04 12.45 -9.34
C TRP D 232 5.66 13.94 -9.32
N LEU D 233 5.14 14.37 -8.18
CA LEU D 233 4.77 15.76 -7.96
C LEU D 233 5.56 16.31 -6.79
N ASN D 234 6.20 17.45 -7.00
CA ASN D 234 6.98 18.10 -5.95
C ASN D 234 6.00 18.48 -4.85
N ASP D 235 6.21 17.99 -3.64
CA ASP D 235 5.30 18.31 -2.53
C ASP D 235 5.23 19.82 -2.33
N ARG D 236 6.36 20.47 -2.57
CA ARG D 236 6.49 21.91 -2.45
C ARG D 236 5.38 22.67 -3.17
N PHE D 237 5.11 22.30 -4.43
CA PHE D 237 4.10 22.96 -5.23
C PHE D 237 2.76 22.26 -5.12
N LYS D 238 2.66 21.31 -4.19
CA LYS D 238 1.43 20.56 -4.06
C LYS D 238 0.20 21.39 -3.69
N GLU D 239 -0.88 21.18 -4.44
CA GLU D 239 -2.16 21.85 -4.21
C GLU D 239 -2.19 23.37 -4.32
N LYS D 240 -1.06 24.02 -4.07
CA LYS D 240 -0.99 25.48 -4.17
C LYS D 240 -0.90 25.84 -5.66
N GLU D 241 -1.52 26.96 -6.05
CA GLU D 241 -1.45 27.32 -7.46
C GLU D 241 -0.26 28.23 -7.75
N ILE D 242 0.27 28.11 -8.96
CA ILE D 242 1.44 28.87 -9.37
C ILE D 242 1.19 29.59 -10.69
N GLY D 243 2.22 30.24 -11.22
CA GLY D 243 2.07 30.94 -12.48
C GLY D 243 3.33 30.95 -13.33
N GLU D 244 3.18 30.78 -14.64
CA GLU D 244 4.30 30.79 -15.57
C GLU D 244 5.19 29.55 -15.40
N GLY D 245 5.05 28.62 -16.33
CA GLY D 245 5.83 27.41 -16.29
C GLY D 245 5.99 26.88 -17.69
N MET D 246 6.84 25.87 -17.86
CA MET D 246 7.10 25.27 -19.18
C MET D 246 6.98 23.76 -19.09
N VAL D 247 6.65 23.14 -20.22
CA VAL D 247 6.55 21.69 -20.27
C VAL D 247 7.42 21.14 -21.38
N PHE D 248 8.21 20.13 -21.04
CA PHE D 248 9.08 19.49 -22.01
C PHE D 248 8.69 18.00 -22.09
N ASP D 249 8.54 17.50 -23.32
CA ASP D 249 8.18 16.12 -23.58
C ASP D 249 9.23 15.45 -24.44
N VAL D 250 9.64 14.23 -24.08
CA VAL D 250 10.63 13.49 -24.88
C VAL D 250 10.00 13.09 -26.21
N ASN D 251 10.73 13.28 -27.30
CA ASN D 251 10.20 12.87 -28.60
C ASN D 251 10.30 11.31 -28.64
N SER D 252 9.15 10.63 -28.59
CA SER D 252 9.08 9.14 -28.64
C SER D 252 9.97 8.40 -27.63
N LEU D 253 9.62 8.55 -26.35
CA LEU D 253 10.38 7.98 -25.23
C LEU D 253 10.87 6.53 -25.35
N TYR D 254 9.94 5.60 -25.44
CA TYR D 254 10.27 4.19 -25.51
C TYR D 254 11.01 3.80 -26.79
N PRO D 255 10.49 4.18 -27.96
CA PRO D 255 11.20 3.84 -29.19
C PRO D 255 12.63 4.39 -29.17
N ALA D 256 12.84 5.50 -28.47
CA ALA D 256 14.19 6.09 -28.36
C ALA D 256 15.13 5.30 -27.45
N GLN D 257 14.63 4.71 -26.37
CA GLN D 257 15.54 3.95 -25.51
C GLN D 257 15.86 2.67 -26.30
N MET D 258 14.84 2.12 -26.94
CA MET D 258 14.97 0.91 -27.73
C MET D 258 15.96 1.08 -28.88
N TYR D 259 16.04 2.30 -29.41
CA TYR D 259 16.92 2.59 -30.52
C TYR D 259 18.41 2.66 -30.19
N SER D 260 18.77 3.14 -29.01
CA SER D 260 20.19 3.27 -28.74
C SER D 260 20.72 2.92 -27.36
N ARG D 261 19.84 2.52 -26.44
CA ARG D 261 20.31 2.14 -25.11
C ARG D 261 20.88 0.71 -25.10
N LEU D 262 21.79 0.44 -24.16
CA LEU D 262 22.37 -0.89 -24.05
C LEU D 262 21.24 -1.70 -23.42
N LEU D 263 20.69 -2.64 -24.21
CA LEU D 263 19.59 -3.50 -23.77
C LEU D 263 19.97 -5.00 -23.68
N PRO D 264 19.36 -5.73 -22.75
CA PRO D 264 19.62 -7.17 -22.54
C PRO D 264 19.00 -8.18 -23.52
N TYR D 265 19.70 -9.31 -23.69
CA TYR D 265 19.21 -10.39 -24.54
C TYR D 265 19.86 -11.71 -24.08
N GLY D 266 19.20 -12.84 -24.36
CA GLY D 266 19.76 -14.12 -23.99
C GLY D 266 19.51 -14.64 -22.60
N GLU D 267 20.18 -15.75 -22.28
CA GLU D 267 20.07 -16.43 -21.01
C GLU D 267 20.91 -15.72 -19.94
N PRO D 268 20.30 -15.41 -18.79
CA PRO D 268 20.98 -14.73 -17.68
C PRO D 268 21.86 -15.68 -16.89
N ILE D 269 22.95 -15.16 -16.35
CA ILE D 269 23.82 -15.98 -15.51
C ILE D 269 23.61 -15.49 -14.09
N VAL D 270 23.35 -16.42 -13.17
CA VAL D 270 23.15 -16.07 -11.76
C VAL D 270 24.51 -15.93 -11.06
N PHE D 271 24.63 -14.93 -10.20
CA PHE D 271 25.86 -14.72 -9.46
C PHE D 271 25.53 -14.47 -8.00
N GLU D 272 26.52 -14.62 -7.13
CA GLU D 272 26.29 -14.39 -5.71
C GLU D 272 26.99 -13.13 -5.25
N GLY D 273 26.41 -12.46 -4.27
CA GLY D 273 27.01 -11.24 -3.79
C GLY D 273 26.87 -10.08 -4.75
N LYS D 274 27.89 -9.23 -4.77
CA LYS D 274 27.90 -8.05 -5.61
C LYS D 274 28.45 -8.27 -7.01
N TYR D 275 27.77 -7.71 -7.99
CA TYR D 275 28.18 -7.80 -9.38
C TYR D 275 29.59 -7.28 -9.61
N VAL D 276 30.34 -7.99 -10.44
CA VAL D 276 31.71 -7.63 -10.79
C VAL D 276 31.63 -7.38 -12.30
N TRP D 277 32.35 -6.38 -12.80
CA TRP D 277 32.28 -6.07 -14.23
C TRP D 277 32.59 -7.24 -15.12
N ASP D 278 31.68 -7.52 -16.05
CA ASP D 278 31.82 -8.60 -17.00
C ASP D 278 31.47 -8.05 -18.37
N GLU D 279 32.51 -7.72 -19.10
CA GLU D 279 32.43 -7.15 -20.43
C GLU D 279 31.38 -7.84 -21.33
N ASP D 280 31.26 -9.16 -21.18
CA ASP D 280 30.32 -9.95 -21.96
C ASP D 280 28.92 -9.91 -21.38
N TYR D 281 28.80 -9.59 -20.11
CA TYR D 281 27.51 -9.48 -19.44
C TYR D 281 27.49 -8.10 -18.76
N PRO D 282 27.41 -7.02 -19.56
CA PRO D 282 27.39 -5.62 -19.12
C PRO D 282 26.27 -5.20 -18.19
N LEU D 283 25.08 -5.75 -18.38
CA LEU D 283 23.94 -5.38 -17.57
C LEU D 283 23.64 -6.36 -16.46
N HIS D 284 22.91 -5.92 -15.45
CA HIS D 284 22.55 -6.82 -14.37
C HIS D 284 21.44 -6.28 -13.49
N ILE D 285 20.84 -7.20 -12.75
CA ILE D 285 19.81 -6.92 -11.79
C ILE D 285 20.41 -7.38 -10.49
N GLN D 286 20.46 -6.50 -9.50
CA GLN D 286 21.05 -6.84 -8.20
C GLN D 286 20.05 -6.86 -7.05
N HIS D 287 20.11 -7.94 -6.28
CA HIS D 287 19.25 -8.08 -5.13
C HIS D 287 20.02 -7.51 -3.92
N ILE D 288 19.54 -6.39 -3.39
CA ILE D 288 20.24 -5.84 -2.23
C ILE D 288 19.36 -5.66 -1.02
N ARG D 289 20.00 -5.47 0.12
CA ARG D 289 19.30 -5.24 1.37
C ARG D 289 19.94 -4.00 1.97
N CYS D 290 19.14 -3.02 2.37
CA CYS D 290 19.72 -1.82 2.94
C CYS D 290 18.69 -0.93 3.62
N GLU D 291 19.20 0.17 4.16
CA GLU D 291 18.39 1.19 4.76
C GLU D 291 18.77 2.41 3.97
N PHE D 292 17.86 3.37 3.86
CA PHE D 292 18.17 4.56 3.07
C PHE D 292 17.44 5.81 3.53
N GLU D 293 18.01 6.95 3.15
CA GLU D 293 17.43 8.25 3.49
C GLU D 293 17.64 9.13 2.30
N LEU D 294 16.55 9.64 1.73
CA LEU D 294 16.65 10.52 0.59
C LEU D 294 17.59 11.66 0.93
N LYS D 295 18.56 11.92 0.05
CA LYS D 295 19.51 13.01 0.28
C LYS D 295 18.81 14.35 0.10
N GLU D 296 19.31 15.36 0.81
CA GLU D 296 18.72 16.70 0.72
C GLU D 296 18.94 17.31 -0.64
N GLY D 297 17.84 17.74 -1.26
CA GLY D 297 17.94 18.34 -2.58
C GLY D 297 17.89 17.33 -3.71
N TYR D 298 17.34 16.15 -3.43
CA TYR D 298 17.22 15.13 -4.46
C TYR D 298 15.81 14.61 -4.58
N ILE D 299 15.44 14.19 -5.79
CA ILE D 299 14.10 13.65 -6.04
C ILE D 299 14.06 12.20 -5.56
N PRO D 300 12.90 11.74 -5.08
CA PRO D 300 12.83 10.34 -4.64
C PRO D 300 12.87 9.49 -5.92
N THR D 301 13.38 8.26 -5.82
CA THR D 301 13.44 7.34 -6.99
C THR D 301 12.93 5.96 -6.64
N ILE D 302 13.05 5.59 -5.36
CA ILE D 302 12.60 4.28 -4.91
C ILE D 302 11.09 4.29 -4.80
N GLN D 303 10.43 3.57 -5.70
CA GLN D 303 8.97 3.54 -5.68
C GLN D 303 8.26 2.26 -5.34
N ILE D 304 7.00 2.41 -5.03
CA ILE D 304 6.05 1.39 -4.71
C ILE D 304 4.81 1.82 -5.46
N LYS D 305 4.52 1.16 -6.57
CA LYS D 305 3.39 1.51 -7.42
C LYS D 305 2.21 0.58 -7.21
N ARG D 306 1.59 0.16 -8.31
CA ARG D 306 0.43 -0.73 -8.29
C ARG D 306 0.32 -1.49 -6.99
N SER D 307 -0.66 -1.15 -6.18
CA SER D 307 -0.84 -1.85 -4.93
C SER D 307 -2.17 -2.64 -5.01
N ARG D 308 -2.46 -3.44 -3.99
CA ARG D 308 -3.67 -4.27 -3.94
C ARG D 308 -4.85 -3.91 -4.80
N PHE D 309 -5.45 -2.73 -4.65
CA PHE D 309 -6.60 -2.39 -5.49
C PHE D 309 -6.37 -1.19 -6.38
N TYR D 310 -6.02 -0.07 -5.76
CA TYR D 310 -5.78 1.14 -6.51
C TYR D 310 -4.35 1.66 -6.32
N LYS D 311 -3.75 2.02 -7.45
CA LYS D 311 -2.39 2.52 -7.52
C LYS D 311 -2.20 4.00 -7.15
N GLY D 312 -1.11 4.56 -7.69
CA GLY D 312 -0.76 5.95 -7.46
C GLY D 312 0.63 6.00 -6.90
N ASN D 313 1.61 5.72 -7.75
CA ASN D 313 3.03 5.71 -7.37
C ASN D 313 3.40 6.41 -6.06
N GLU D 314 3.89 5.63 -5.10
CA GLU D 314 4.34 6.17 -3.83
C GLU D 314 5.86 6.08 -3.76
N TYR D 315 6.53 7.22 -3.60
CA TYR D 315 7.98 7.21 -3.53
C TYR D 315 8.52 7.38 -2.12
N LEU D 316 9.20 6.34 -1.64
CA LEU D 316 9.77 6.33 -0.31
C LEU D 316 10.92 7.32 -0.20
N LYS D 317 11.05 7.95 0.96
CA LYS D 317 12.12 8.92 1.17
C LYS D 317 13.06 8.37 2.23
N SER D 318 12.64 7.26 2.83
CA SER D 318 13.40 6.60 3.88
C SER D 318 12.84 5.21 4.18
N SER D 319 13.70 4.31 4.65
CA SER D 319 13.27 2.96 5.02
C SER D 319 12.64 3.07 6.41
N GLY D 320 13.04 4.11 7.14
CA GLY D 320 12.52 4.36 8.47
C GLY D 320 12.61 3.22 9.47
N GLY D 321 13.83 2.88 9.89
CA GLY D 321 14.00 1.82 10.86
C GLY D 321 14.11 0.40 10.32
N GLU D 322 13.35 0.08 9.28
CA GLU D 322 13.40 -1.27 8.72
C GLU D 322 14.33 -1.43 7.53
N ILE D 323 15.01 -2.57 7.50
CA ILE D 323 15.93 -2.92 6.42
C ILE D 323 15.05 -3.30 5.23
N ALA D 324 15.25 -2.61 4.11
CA ALA D 324 14.47 -2.88 2.89
C ALA D 324 15.10 -4.00 2.06
N ASP D 325 14.28 -4.59 1.21
CA ASP D 325 14.72 -5.66 0.35
C ASP D 325 14.37 -5.20 -1.07
N LEU D 326 15.39 -5.06 -1.93
CA LEU D 326 15.13 -4.57 -3.29
C LEU D 326 15.89 -5.29 -4.39
N TRP D 327 15.27 -5.36 -5.57
CA TRP D 327 15.92 -5.95 -6.75
C TRP D 327 15.98 -4.78 -7.73
N LEU D 328 17.18 -4.39 -8.12
CA LEU D 328 17.32 -3.25 -9.02
C LEU D 328 18.21 -3.49 -10.23
N SER D 329 17.81 -2.94 -11.37
CA SER D 329 18.60 -3.03 -12.60
C SER D 329 19.79 -2.11 -12.31
N ASN D 330 20.90 -2.30 -13.03
CA ASN D 330 22.05 -1.47 -12.76
C ASN D 330 21.75 0.02 -12.99
N VAL D 331 20.76 0.30 -13.83
CA VAL D 331 20.37 1.67 -14.15
C VAL D 331 19.69 2.33 -12.96
N ASP D 332 18.73 1.62 -12.36
CA ASP D 332 18.01 2.11 -11.20
C ASP D 332 18.91 2.23 -9.98
N LEU D 333 19.80 1.24 -9.80
CA LEU D 333 20.71 1.22 -8.68
C LEU D 333 21.68 2.41 -8.65
N GLU D 334 22.13 2.83 -9.82
CA GLU D 334 23.05 3.95 -9.94
C GLU D 334 22.37 5.30 -9.59
N LEU D 335 21.06 5.38 -9.83
CA LEU D 335 20.34 6.59 -9.51
C LEU D 335 20.07 6.62 -8.02
N MET D 336 19.78 5.45 -7.46
CA MET D 336 19.50 5.37 -6.05
C MET D 336 20.72 5.77 -5.22
N LYS D 337 21.90 5.31 -5.62
CA LYS D 337 23.12 5.63 -4.90
C LYS D 337 23.43 7.12 -4.91
N GLU D 338 22.95 7.83 -5.93
CA GLU D 338 23.21 9.26 -6.02
C GLU D 338 22.19 10.10 -5.27
N HIS D 339 20.92 9.70 -5.33
CA HIS D 339 19.85 10.44 -4.68
C HIS D 339 19.63 10.09 -3.22
N TYR D 340 20.20 8.98 -2.75
CA TYR D 340 19.99 8.62 -1.35
C TYR D 340 21.31 8.30 -0.62
N ASP D 341 21.21 8.21 0.67
CA ASP D 341 22.30 7.78 1.53
C ASP D 341 21.93 6.34 1.87
N LEU D 342 22.78 5.38 1.51
CA LEU D 342 22.50 3.98 1.77
C LEU D 342 23.26 3.47 3.00
N TYR D 343 22.56 2.75 3.86
CA TYR D 343 23.18 2.23 5.08
C TYR D 343 23.19 0.73 5.19
N ASN D 344 24.31 0.20 5.69
CA ASN D 344 24.48 -1.23 5.90
C ASN D 344 24.00 -2.01 4.68
N VAL D 345 24.58 -1.67 3.55
CA VAL D 345 24.23 -2.29 2.29
C VAL D 345 24.71 -3.73 2.21
N GLU D 346 23.79 -4.64 1.94
CA GLU D 346 24.18 -6.04 1.79
C GLU D 346 23.82 -6.54 0.39
N TYR D 347 24.84 -6.89 -0.40
CA TYR D 347 24.62 -7.40 -1.74
C TYR D 347 24.41 -8.91 -1.61
N ILE D 348 23.22 -9.38 -1.96
CA ILE D 348 22.92 -10.79 -1.83
C ILE D 348 23.25 -11.61 -3.08
N SER D 349 22.66 -11.25 -4.21
CA SER D 349 22.90 -11.96 -5.46
C SER D 349 22.18 -11.24 -6.58
N GLY D 350 22.40 -11.67 -7.82
CA GLY D 350 21.74 -11.01 -8.92
C GLY D 350 21.77 -11.81 -10.21
N LEU D 351 21.50 -11.13 -11.32
CA LEU D 351 21.49 -11.77 -12.63
C LEU D 351 22.25 -10.90 -13.62
N LYS D 352 23.18 -11.49 -14.38
CA LYS D 352 23.96 -10.77 -15.39
C LYS D 352 23.34 -11.07 -16.74
N PHE D 353 23.47 -10.15 -17.70
CA PHE D 353 22.92 -10.35 -19.04
C PHE D 353 23.87 -9.88 -20.13
N LYS D 354 23.79 -10.54 -21.30
CA LYS D 354 24.57 -10.11 -22.46
C LYS D 354 23.80 -8.90 -22.95
N ALA D 355 24.43 -7.99 -23.68
CA ALA D 355 23.70 -6.81 -24.10
C ALA D 355 24.13 -6.23 -25.43
N THR D 356 23.22 -5.50 -26.07
CA THR D 356 23.51 -4.86 -27.35
C THR D 356 22.64 -3.63 -27.57
N THR D 357 23.08 -2.75 -28.48
CA THR D 357 22.32 -1.54 -28.83
C THR D 357 21.74 -1.65 -30.23
N GLY D 358 21.87 -2.80 -30.88
CA GLY D 358 21.36 -2.89 -32.23
C GLY D 358 20.14 -3.74 -32.53
N LEU D 359 19.42 -4.18 -31.50
CA LEU D 359 18.25 -5.03 -31.72
C LEU D 359 17.02 -4.39 -32.38
N PHE D 360 16.78 -3.10 -32.15
CA PHE D 360 15.59 -2.48 -32.73
C PHE D 360 15.75 -1.43 -33.81
N LYS D 361 16.99 -1.09 -34.17
CA LYS D 361 17.22 -0.06 -35.17
C LYS D 361 16.53 -0.31 -36.52
N ASP D 362 16.66 -1.51 -37.07
CA ASP D 362 16.03 -1.79 -38.35
C ASP D 362 14.52 -1.71 -38.31
N PHE D 363 13.93 -2.20 -37.22
CA PHE D 363 12.50 -2.16 -37.04
C PHE D 363 12.06 -0.67 -36.91
N ILE D 364 12.80 0.10 -36.13
CA ILE D 364 12.47 1.50 -35.91
C ILE D 364 12.75 2.37 -37.13
N ASP D 365 13.86 2.14 -37.83
CA ASP D 365 14.17 2.91 -39.03
C ASP D 365 13.05 2.72 -40.06
N LYS D 366 12.68 1.47 -40.25
CA LYS D 366 11.64 1.12 -41.20
C LYS D 366 10.31 1.83 -40.96
N TRP D 367 9.76 1.70 -39.76
CA TRP D 367 8.48 2.31 -39.45
C TRP D 367 8.53 3.81 -39.16
N THR D 368 9.71 4.36 -38.88
CA THR D 368 9.78 5.78 -38.65
C THR D 368 9.74 6.41 -40.04
N TYR D 369 10.35 5.73 -41.01
CA TYR D 369 10.37 6.21 -42.38
C TYR D 369 8.94 6.20 -42.89
N ILE D 370 8.28 5.06 -42.78
CA ILE D 370 6.89 4.95 -43.23
C ILE D 370 6.03 6.02 -42.56
N LYS D 371 6.28 6.29 -41.29
CA LYS D 371 5.52 7.28 -40.55
C LYS D 371 5.73 8.68 -41.15
N THR D 372 7.00 9.03 -41.36
CA THR D 372 7.34 10.33 -41.91
C THR D 372 6.93 10.50 -43.38
N THR D 373 6.83 9.38 -44.08
CA THR D 373 6.50 9.38 -45.51
C THR D 373 5.04 9.00 -45.84
N SER D 374 4.18 8.99 -44.83
CA SER D 374 2.77 8.62 -45.05
C SER D 374 1.77 9.63 -44.52
N GLU D 375 0.51 9.34 -44.76
CA GLU D 375 -0.57 10.20 -44.30
C GLU D 375 -1.80 9.38 -43.86
N GLY D 376 -2.63 9.98 -43.02
CA GLY D 376 -3.83 9.33 -42.54
C GLY D 376 -3.65 7.93 -41.98
N ALA D 377 -4.38 6.99 -42.57
CA ALA D 377 -4.35 5.58 -42.16
C ALA D 377 -2.98 4.98 -41.94
N ILE D 378 -2.21 4.84 -43.02
CA ILE D 378 -0.88 4.26 -43.01
C ILE D 378 0.05 4.88 -41.96
N LYS D 379 -0.12 6.17 -41.71
CA LYS D 379 0.70 6.87 -40.74
C LYS D 379 0.32 6.49 -39.30
N GLN D 380 -0.97 6.35 -39.06
CA GLN D 380 -1.44 5.99 -37.73
C GLN D 380 -1.03 4.57 -37.41
N LEU D 381 -0.95 3.74 -38.44
CA LEU D 381 -0.56 2.37 -38.24
C LEU D 381 0.92 2.31 -37.96
N ALA D 382 1.69 3.16 -38.64
CA ALA D 382 3.12 3.17 -38.41
C ALA D 382 3.39 3.55 -36.96
N LYS D 383 2.63 4.51 -36.44
CA LYS D 383 2.82 4.92 -35.06
C LYS D 383 2.43 3.80 -34.10
N LEU D 384 1.43 3.02 -34.48
CA LEU D 384 0.96 1.90 -33.66
C LEU D 384 2.08 0.87 -33.58
N MET D 385 2.66 0.58 -34.73
CA MET D 385 3.76 -0.36 -34.83
C MET D 385 4.89 0.04 -33.90
N LEU D 386 5.24 1.32 -33.95
CA LEU D 386 6.33 1.83 -33.14
C LEU D 386 5.99 1.94 -31.65
N ASN D 387 4.73 2.22 -31.35
CA ASN D 387 4.33 2.38 -29.96
C ASN D 387 3.94 1.13 -29.20
N SER D 388 3.50 0.10 -29.93
CA SER D 388 3.03 -1.12 -29.29
C SER D 388 4.07 -2.22 -29.04
N LEU D 389 5.31 -2.02 -29.48
CA LEU D 389 6.30 -3.06 -29.28
C LEU D 389 6.75 -3.18 -27.85
N TYR D 390 7.18 -2.08 -27.25
CA TYR D 390 7.67 -2.08 -25.87
C TYR D 390 6.75 -2.90 -24.94
N GLY D 391 5.42 -2.66 -25.04
CA GLY D 391 4.49 -3.35 -24.17
C GLY D 391 4.57 -4.87 -24.20
N LYS D 392 4.96 -5.45 -25.33
CA LYS D 392 5.02 -6.90 -25.43
C LYS D 392 6.08 -7.58 -24.57
N PHE D 393 7.11 -6.83 -24.17
CA PHE D 393 8.17 -7.38 -23.33
C PHE D 393 7.85 -7.19 -21.86
N ALA D 394 7.17 -6.10 -21.55
CA ALA D 394 6.81 -5.81 -20.17
C ALA D 394 5.36 -6.20 -19.94
N SER D 395 5.07 -7.47 -20.18
CA SER D 395 3.73 -7.95 -19.96
C SER D 395 3.68 -8.87 -18.78
N ASN D 396 2.51 -9.40 -18.52
CA ASN D 396 2.31 -10.24 -17.31
C ASN D 396 2.22 -11.77 -17.49
N PRO D 397 2.71 -12.52 -16.49
CA PRO D 397 2.71 -13.99 -16.42
C PRO D 397 1.39 -14.71 -16.36
N ASP D 398 0.76 -14.74 -15.18
CA ASP D 398 -0.49 -15.45 -15.04
C ASP D 398 -1.67 -14.87 -15.83
N VAL D 399 -2.37 -15.75 -16.52
CA VAL D 399 -3.50 -15.38 -17.38
C VAL D 399 -4.80 -15.69 -16.66
N THR D 400 -4.75 -15.79 -15.34
CA THR D 400 -5.95 -16.06 -14.55
C THR D 400 -6.93 -14.90 -14.75
N GLY D 401 -8.17 -15.24 -15.12
CA GLY D 401 -9.16 -14.20 -15.36
C GLY D 401 -10.57 -14.49 -14.86
N LYS D 402 -11.52 -13.66 -15.27
CA LYS D 402 -12.91 -13.81 -14.85
C LYS D 402 -13.65 -14.81 -15.71
N VAL D 403 -14.48 -15.61 -15.07
CA VAL D 403 -15.31 -16.58 -15.77
C VAL D 403 -16.76 -16.21 -15.54
N PRO D 404 -17.51 -15.99 -16.63
CA PRO D 404 -18.92 -15.61 -16.57
C PRO D 404 -19.88 -16.76 -16.29
N TYR D 405 -21.07 -16.40 -15.84
CA TYR D 405 -22.13 -17.36 -15.54
C TYR D 405 -23.39 -16.54 -15.43
N LEU D 406 -24.53 -17.17 -15.66
CA LEU D 406 -25.80 -16.47 -15.60
C LEU D 406 -26.41 -16.61 -14.22
N LYS D 407 -26.81 -15.48 -13.63
CA LYS D 407 -27.40 -15.49 -12.30
C LYS D 407 -28.90 -15.74 -12.42
N GLU D 408 -29.54 -16.02 -11.29
CA GLU D 408 -30.97 -16.29 -11.31
C GLU D 408 -31.80 -15.07 -11.68
N ASN D 409 -31.26 -13.87 -11.46
CA ASN D 409 -32.02 -12.66 -11.80
C ASN D 409 -31.86 -12.29 -13.27
N GLY D 410 -31.20 -13.16 -14.04
CA GLY D 410 -31.02 -12.90 -15.46
C GLY D 410 -29.78 -12.15 -15.86
N ALA D 411 -29.08 -11.56 -14.89
CA ALA D 411 -27.85 -10.81 -15.16
C ALA D 411 -26.64 -11.71 -15.06
N LEU D 412 -25.53 -11.27 -15.62
CA LEU D 412 -24.30 -12.05 -15.58
C LEU D 412 -23.53 -11.88 -14.28
N GLY D 413 -22.78 -12.92 -13.94
CA GLY D 413 -21.94 -12.91 -12.76
C GLY D 413 -20.57 -13.33 -13.24
N PHE D 414 -19.56 -13.14 -12.40
CA PHE D 414 -18.20 -13.53 -12.76
C PHE D 414 -17.52 -14.06 -11.53
N ARG D 415 -16.64 -15.03 -11.72
CA ARG D 415 -15.90 -15.58 -10.61
C ARG D 415 -14.49 -15.82 -11.10
N LEU D 416 -13.53 -15.76 -10.19
CA LEU D 416 -12.13 -15.96 -10.57
C LEU D 416 -11.95 -17.34 -11.20
N GLY D 417 -11.27 -17.38 -12.34
CA GLY D 417 -11.06 -18.66 -12.98
C GLY D 417 -9.90 -19.41 -12.35
N GLU D 418 -9.81 -20.70 -12.64
CA GLU D 418 -8.72 -21.51 -12.12
C GLU D 418 -7.38 -20.88 -12.52
N GLU D 419 -6.37 -21.08 -11.70
CA GLU D 419 -5.05 -20.53 -11.98
C GLU D 419 -4.75 -20.83 -13.44
N GLU D 420 -3.85 -20.06 -14.04
CA GLU D 420 -3.52 -20.26 -15.43
C GLU D 420 -2.34 -19.34 -15.75
N THR D 421 -1.27 -19.91 -16.29
CA THR D 421 -0.12 -19.12 -16.65
C THR D 421 0.31 -19.37 -18.12
N LYS D 422 0.75 -18.31 -18.79
CA LYS D 422 1.20 -18.40 -20.17
C LYS D 422 2.74 -18.31 -20.19
N ASP D 423 3.30 -17.74 -21.28
CA ASP D 423 4.74 -17.66 -21.41
C ASP D 423 5.30 -16.26 -21.78
N PRO D 424 6.34 -15.84 -21.01
CA PRO D 424 7.00 -14.52 -21.23
C PRO D 424 7.52 -14.25 -22.63
N VAL D 425 7.90 -13.02 -22.83
CA VAL D 425 8.45 -12.73 -24.13
C VAL D 425 9.95 -12.58 -23.94
N TYR D 426 10.28 -11.81 -22.97
CA TYR D 426 11.63 -11.52 -22.49
C TYR D 426 11.39 -10.42 -21.47
N THR D 427 11.19 -10.83 -20.25
CA THR D 427 10.92 -9.88 -19.17
C THR D 427 12.12 -8.93 -18.98
N PRO D 428 13.35 -9.46 -19.08
CA PRO D 428 14.52 -8.62 -18.86
C PRO D 428 14.52 -7.38 -19.74
N MET D 429 13.92 -7.49 -20.93
CA MET D 429 13.88 -6.37 -21.86
C MET D 429 12.92 -5.25 -21.38
N GLY D 430 11.77 -5.63 -20.84
CA GLY D 430 10.82 -4.65 -20.35
C GLY D 430 11.39 -3.91 -19.14
N VAL D 431 12.09 -4.63 -18.28
CA VAL D 431 12.69 -4.02 -17.11
C VAL D 431 13.67 -2.91 -17.50
N PHE D 432 14.57 -3.21 -18.44
CA PHE D 432 15.57 -2.21 -18.81
C PHE D 432 15.08 -1.09 -19.72
N ILE D 433 14.04 -1.34 -20.50
CA ILE D 433 13.51 -0.32 -21.36
C ILE D 433 12.85 0.77 -20.49
N THR D 434 12.10 0.34 -19.46
CA THR D 434 11.44 1.27 -18.57
C THR D 434 12.48 1.91 -17.67
N ALA D 435 13.48 1.15 -17.26
CA ALA D 435 14.52 1.73 -16.41
C ALA D 435 15.23 2.87 -17.14
N TRP D 436 15.63 2.65 -18.40
CA TRP D 436 16.32 3.70 -19.13
C TRP D 436 15.38 4.88 -19.35
N ALA D 437 14.11 4.59 -19.54
CA ALA D 437 13.14 5.63 -19.77
C ALA D 437 13.02 6.48 -18.48
N ARG D 438 13.01 5.82 -17.33
CA ARG D 438 12.93 6.56 -16.09
C ARG D 438 14.24 7.30 -15.88
N TYR D 439 15.34 6.66 -16.24
CA TYR D 439 16.64 7.29 -16.10
C TYR D 439 16.73 8.59 -16.92
N THR D 440 16.09 8.61 -18.08
CA THR D 440 16.10 9.76 -18.95
C THR D 440 15.35 10.93 -18.33
N THR D 441 14.13 10.65 -17.87
CA THR D 441 13.26 11.65 -17.24
C THR D 441 13.75 12.13 -15.88
N ILE D 442 14.27 11.20 -15.08
CA ILE D 442 14.75 11.53 -13.75
C ILE D 442 15.99 12.43 -13.73
N THR D 443 17.01 12.08 -14.50
CA THR D 443 18.24 12.88 -14.52
C THR D 443 18.00 14.29 -15.07
N ALA D 444 17.00 14.45 -15.92
CA ALA D 444 16.70 15.75 -16.49
C ALA D 444 16.02 16.65 -15.46
N ALA D 445 15.05 16.10 -14.74
CA ALA D 445 14.30 16.82 -13.73
C ALA D 445 15.20 17.18 -12.56
N GLN D 446 16.10 16.28 -12.23
CA GLN D 446 17.03 16.51 -11.14
C GLN D 446 18.01 17.63 -11.53
N ALA D 447 18.33 17.69 -12.81
CA ALA D 447 19.26 18.70 -13.27
C ALA D 447 18.60 20.08 -13.19
N CYS D 448 17.27 20.10 -13.15
CA CYS D 448 16.49 21.34 -13.06
C CYS D 448 15.80 21.35 -11.69
N TYR D 449 16.43 20.73 -10.70
CA TYR D 449 15.82 20.64 -9.37
C TYR D 449 15.23 21.95 -8.86
N ASP D 450 15.93 23.05 -9.09
CA ASP D 450 15.47 24.35 -8.62
C ASP D 450 14.13 24.83 -9.17
N ARG D 451 13.78 24.41 -10.39
CA ARG D 451 12.53 24.83 -11.02
C ARG D 451 11.53 23.70 -11.26
N ILE D 452 11.87 22.48 -10.82
CA ILE D 452 11.02 21.32 -11.04
C ILE D 452 9.71 21.22 -10.27
N ILE D 453 8.64 21.02 -11.01
CA ILE D 453 7.32 20.90 -10.43
C ILE D 453 6.74 19.48 -10.47
N TYR D 454 6.62 18.95 -11.68
CA TYR D 454 6.00 17.64 -11.93
C TYR D 454 6.68 16.83 -13.03
N CYS D 455 6.52 15.51 -12.94
CA CYS D 455 7.08 14.55 -13.91
C CYS D 455 6.07 13.45 -14.18
N ASP D 456 5.86 13.14 -15.46
CA ASP D 456 4.95 12.04 -15.82
C ASP D 456 5.55 11.20 -16.94
N THR D 457 6.40 10.27 -16.55
CA THR D 457 7.08 9.32 -17.44
C THR D 457 7.90 9.96 -18.58
N ASP D 458 7.29 10.65 -19.53
CA ASP D 458 8.10 11.29 -20.58
C ASP D 458 8.08 12.84 -20.57
N SER D 459 7.59 13.45 -19.49
CA SER D 459 7.53 14.91 -19.45
C SER D 459 7.93 15.55 -18.13
N ILE D 460 8.46 16.78 -18.21
CA ILE D 460 8.84 17.51 -17.02
C ILE D 460 8.20 18.89 -17.03
N HIS D 461 7.69 19.30 -15.88
CA HIS D 461 7.04 20.60 -15.76
C HIS D 461 7.87 21.52 -14.86
N LEU D 462 8.32 22.64 -15.43
CA LEU D 462 9.15 23.59 -14.70
C LEU D 462 8.53 24.96 -14.51
N THR D 463 8.90 25.64 -13.42
CA THR D 463 8.44 27.00 -13.18
C THR D 463 9.32 27.83 -14.10
N GLY D 464 8.93 29.06 -14.39
CA GLY D 464 9.72 29.89 -15.28
C GLY D 464 9.28 29.60 -16.70
N THR D 465 9.82 30.36 -17.65
CA THR D 465 9.46 30.21 -19.06
C THR D 465 10.71 30.14 -19.92
N GLU D 466 11.86 30.14 -19.28
CA GLU D 466 13.14 30.08 -19.98
C GLU D 466 13.78 28.71 -19.92
N ILE D 467 14.07 28.16 -21.09
CA ILE D 467 14.73 26.85 -21.22
C ILE D 467 15.97 26.81 -20.33
N PRO D 468 16.01 25.90 -19.35
CA PRO D 468 17.18 25.83 -18.49
C PRO D 468 18.48 25.64 -19.26
N ASP D 469 19.54 26.26 -18.77
CA ASP D 469 20.83 26.16 -19.43
C ASP D 469 21.30 24.72 -19.49
N VAL D 470 21.07 23.99 -18.40
CA VAL D 470 21.49 22.59 -18.31
C VAL D 470 20.82 21.64 -19.28
N ILE D 471 19.68 22.02 -19.87
CA ILE D 471 19.05 21.11 -20.84
C ILE D 471 19.02 21.64 -22.25
N LYS D 472 19.63 22.80 -22.46
CA LYS D 472 19.68 23.43 -23.78
C LYS D 472 20.23 22.47 -24.83
N ASP D 473 21.32 21.79 -24.51
CA ASP D 473 21.95 20.87 -25.46
C ASP D 473 21.15 19.58 -25.73
N ILE D 474 20.06 19.36 -25.00
CA ILE D 474 19.26 18.16 -25.24
C ILE D 474 17.80 18.46 -25.52
N VAL D 475 17.56 19.66 -26.05
CA VAL D 475 16.23 20.10 -26.40
C VAL D 475 16.13 20.22 -27.91
N ASP D 476 15.08 19.64 -28.48
CA ASP D 476 14.86 19.69 -29.92
C ASP D 476 13.42 19.33 -30.16
N PRO D 477 12.76 20.05 -31.09
CA PRO D 477 11.35 19.86 -31.46
C PRO D 477 10.97 18.53 -32.08
N LYS D 478 11.92 17.85 -32.73
CA LYS D 478 11.56 16.61 -33.40
C LYS D 478 12.52 15.44 -33.28
N LYS D 479 13.76 15.70 -32.89
CA LYS D 479 14.73 14.63 -32.76
C LYS D 479 14.33 13.53 -31.79
N LEU D 480 14.53 12.29 -32.22
CA LEU D 480 14.20 11.13 -31.40
C LEU D 480 14.95 11.15 -30.07
N GLY D 481 14.25 11.11 -28.95
CA GLY D 481 14.93 11.08 -27.66
C GLY D 481 15.30 12.41 -27.03
N TYR D 482 15.16 13.49 -27.80
CA TYR D 482 15.47 14.82 -27.30
C TYR D 482 14.22 15.39 -26.63
N TRP D 483 14.41 16.36 -25.76
CA TRP D 483 13.27 16.96 -25.08
C TRP D 483 12.71 18.06 -25.94
N ALA D 484 11.43 17.95 -26.28
CA ALA D 484 10.77 18.96 -27.07
C ALA D 484 10.03 19.89 -26.13
N HIS D 485 10.26 21.17 -26.30
CA HIS D 485 9.58 22.17 -25.51
C HIS D 485 8.15 22.09 -26.04
N GLU D 486 7.22 21.69 -25.20
CA GLU D 486 5.86 21.52 -25.66
C GLU D 486 4.85 22.62 -25.39
N SER D 487 5.07 23.41 -24.36
CA SER D 487 4.15 24.48 -24.04
C SER D 487 4.65 25.33 -22.90
N THR D 488 3.94 26.44 -22.69
CA THR D 488 4.28 27.37 -21.61
C THR D 488 2.91 27.77 -21.09
N PHE D 489 2.78 27.91 -19.77
CA PHE D 489 1.51 28.29 -19.19
C PHE D 489 1.64 29.53 -18.34
N LYS D 490 0.54 30.27 -18.20
CA LYS D 490 0.56 31.48 -17.40
C LYS D 490 0.41 31.15 -15.93
N ARG D 491 -0.39 30.13 -15.66
CA ARG D 491 -0.63 29.69 -14.29
C ARG D 491 -1.06 28.24 -14.34
N ALA D 492 -0.98 27.57 -13.20
CA ALA D 492 -1.35 26.17 -13.12
C ALA D 492 -1.57 25.77 -11.68
N LYS D 493 -2.12 24.58 -11.51
CA LYS D 493 -2.38 24.06 -10.18
C LYS D 493 -2.28 22.53 -10.23
N TYR D 494 -1.42 21.98 -9.38
CA TYR D 494 -1.25 20.53 -9.32
C TYR D 494 -1.81 20.03 -8.00
N LEU D 495 -2.84 19.18 -8.09
CA LEU D 495 -3.46 18.61 -6.90
C LEU D 495 -2.79 17.31 -6.49
N ARG D 496 -2.50 16.47 -7.48
CA ARG D 496 -1.87 15.17 -7.26
C ARG D 496 -1.33 14.64 -8.57
N GLN D 497 -0.73 13.46 -8.51
CA GLN D 497 -0.21 12.83 -9.71
C GLN D 497 -1.29 12.76 -10.77
N LYS D 498 -0.94 13.14 -11.98
CA LYS D 498 -1.88 13.10 -13.09
C LYS D 498 -3.15 13.90 -12.84
N THR D 499 -3.08 14.86 -11.93
CA THR D 499 -4.24 15.70 -11.63
C THR D 499 -3.86 17.19 -11.52
N TYR D 500 -3.85 17.87 -12.66
CA TYR D 500 -3.50 19.28 -12.68
C TYR D 500 -4.28 20.11 -13.71
N ILE D 501 -4.15 21.44 -13.61
CA ILE D 501 -4.81 22.35 -14.53
C ILE D 501 -3.83 23.45 -14.97
N GLN D 502 -3.90 23.86 -16.24
CA GLN D 502 -3.01 24.89 -16.75
C GLN D 502 -3.70 25.86 -17.73
N ASP D 503 -3.18 27.07 -17.82
CA ASP D 503 -3.67 28.06 -18.78
C ASP D 503 -2.52 28.14 -19.78
N ILE D 504 -2.71 27.51 -20.94
CA ILE D 504 -1.69 27.44 -21.97
C ILE D 504 -1.77 28.53 -23.03
N TYR D 505 -0.63 29.16 -23.28
CA TYR D 505 -0.54 30.21 -24.29
C TYR D 505 -0.79 29.58 -25.64
N MET D 506 -1.85 30.02 -26.31
CA MET D 506 -2.17 29.49 -27.63
C MET D 506 -1.92 30.56 -28.69
N LYS D 507 -1.86 30.14 -29.95
CA LYS D 507 -1.59 31.06 -31.04
C LYS D 507 -2.39 30.66 -32.27
N GLU D 508 -2.99 31.63 -32.94
CA GLU D 508 -3.80 31.34 -34.12
C GLU D 508 -2.95 31.13 -35.36
N VAL D 509 -2.58 29.89 -35.67
CA VAL D 509 -1.77 29.59 -36.84
C VAL D 509 -2.45 28.48 -37.63
N ASP D 510 -2.90 28.89 -38.81
CA ASP D 510 -3.65 28.07 -39.80
C ASP D 510 -4.85 27.24 -39.33
N GLY D 511 -6.00 27.88 -39.24
CA GLY D 511 -7.22 27.16 -38.90
C GLY D 511 -7.51 27.14 -37.43
N LYS D 512 -6.62 26.53 -36.65
CA LYS D 512 -6.84 26.44 -35.22
C LYS D 512 -5.77 27.08 -34.32
N LEU D 513 -5.89 26.79 -33.03
CA LEU D 513 -4.97 27.29 -32.04
C LEU D 513 -3.89 26.25 -31.79
N VAL D 514 -2.65 26.71 -31.71
CA VAL D 514 -1.48 25.86 -31.47
C VAL D 514 -0.84 26.38 -30.18
N GLU D 515 0.31 25.85 -29.79
CA GLU D 515 0.96 26.34 -28.60
C GLU D 515 1.76 27.58 -28.97
N GLY D 516 1.70 28.60 -28.12
CA GLY D 516 2.43 29.83 -28.37
C GLY D 516 3.34 30.15 -27.19
N SER D 517 4.04 31.26 -27.27
CA SER D 517 4.95 31.68 -26.20
C SER D 517 4.39 32.89 -25.47
N PRO D 518 4.96 33.23 -24.30
CA PRO D 518 4.52 34.38 -23.51
C PRO D 518 4.52 35.69 -24.30
N ASP D 519 5.27 35.71 -25.39
CA ASP D 519 5.37 36.89 -26.24
C ASP D 519 4.43 36.80 -27.42
N ASP D 520 4.55 35.71 -28.16
CA ASP D 520 3.73 35.50 -29.34
C ASP D 520 2.59 34.53 -29.11
N TYR D 521 1.44 35.06 -28.71
CA TYR D 521 0.27 34.23 -28.48
C TYR D 521 -1.00 35.03 -28.75
N THR D 522 -2.14 34.34 -28.78
CA THR D 522 -3.42 34.98 -29.06
C THR D 522 -4.49 34.59 -28.06
N ASP D 523 -4.50 33.32 -27.68
CA ASP D 523 -5.48 32.81 -26.75
C ASP D 523 -4.82 32.20 -25.52
N ILE D 524 -5.62 32.02 -24.46
CA ILE D 524 -5.14 31.41 -23.24
C ILE D 524 -6.10 30.26 -22.97
N LYS D 525 -5.78 29.08 -23.51
CA LYS D 525 -6.66 27.93 -23.33
C LYS D 525 -6.49 27.21 -22.00
N PHE D 526 -7.62 26.90 -21.40
CA PHE D 526 -7.68 26.21 -20.13
C PHE D 526 -7.80 24.71 -20.42
N SER D 527 -6.87 23.92 -19.88
CA SER D 527 -6.90 22.48 -20.09
C SER D 527 -6.78 21.77 -18.75
N VAL D 528 -7.53 20.69 -18.60
CA VAL D 528 -7.51 19.91 -17.38
C VAL D 528 -7.09 18.46 -17.61
N LYS D 529 -6.27 17.95 -16.70
CA LYS D 529 -5.80 16.57 -16.77
C LYS D 529 -6.15 15.90 -15.46
N CYS D 530 -7.04 14.93 -15.52
CA CYS D 530 -7.46 14.22 -14.31
C CYS D 530 -7.88 12.80 -14.67
N ALA D 531 -7.27 11.83 -13.99
CA ALA D 531 -7.58 10.43 -14.25
C ALA D 531 -9.03 10.12 -13.93
N GLY D 532 -9.84 9.70 -14.90
CA GLY D 532 -11.21 9.38 -14.56
C GLY D 532 -12.21 10.50 -14.74
N MET D 533 -11.75 11.64 -15.23
CA MET D 533 -12.63 12.76 -15.46
C MET D 533 -13.02 12.82 -16.93
N THR D 534 -14.32 12.90 -17.20
CA THR D 534 -14.83 12.95 -18.55
C THR D 534 -14.80 14.37 -19.10
N ASP D 535 -14.98 14.50 -20.42
CA ASP D 535 -14.98 15.79 -21.07
C ASP D 535 -16.22 16.57 -20.64
N LYS D 536 -17.19 15.85 -20.10
CA LYS D 536 -18.43 16.47 -19.65
C LYS D 536 -18.18 17.15 -18.30
N ILE D 537 -17.44 16.46 -17.44
CA ILE D 537 -17.12 16.99 -16.13
C ILE D 537 -16.05 18.08 -16.20
N LYS D 538 -15.05 17.88 -17.06
CA LYS D 538 -13.98 18.86 -17.22
C LYS D 538 -14.55 20.23 -17.54
N LYS D 539 -15.64 20.24 -18.31
CA LYS D 539 -16.31 21.49 -18.68
C LYS D 539 -17.11 22.03 -17.50
N GLU D 540 -16.50 22.01 -16.32
CA GLU D 540 -17.11 22.50 -15.08
C GLU D 540 -16.01 22.78 -14.07
N VAL D 541 -14.79 22.56 -14.51
CA VAL D 541 -13.62 22.77 -13.68
C VAL D 541 -13.17 24.21 -13.83
N THR D 542 -12.85 24.86 -12.72
CA THR D 542 -12.37 26.24 -12.74
C THR D 542 -11.22 26.31 -11.75
N PHE D 543 -10.34 27.30 -11.94
CA PHE D 543 -9.19 27.49 -11.05
C PHE D 543 -9.57 27.67 -9.59
N GLU D 544 -10.83 27.97 -9.35
CA GLU D 544 -11.32 28.17 -7.98
C GLU D 544 -12.08 26.94 -7.51
N ASN D 545 -12.53 26.17 -8.49
CA ASN D 545 -13.31 24.95 -8.32
C ASN D 545 -12.43 23.74 -8.09
N PHE D 546 -11.37 23.68 -8.89
CA PHE D 546 -10.43 22.58 -8.88
C PHE D 546 -9.65 22.37 -7.60
N LYS D 547 -10.09 21.39 -6.80
CA LYS D 547 -9.42 21.06 -5.55
C LYS D 547 -9.94 19.73 -5.04
N VAL D 548 -9.19 19.09 -4.16
CA VAL D 548 -9.59 17.80 -3.60
C VAL D 548 -10.98 17.95 -3.00
N GLY D 549 -11.84 16.99 -3.30
CA GLY D 549 -13.20 17.03 -2.80
C GLY D 549 -14.18 17.31 -3.93
N PHE D 550 -13.69 17.94 -4.99
CA PHE D 550 -14.53 18.25 -6.15
C PHE D 550 -15.25 16.96 -6.60
N SER D 551 -16.56 17.05 -6.82
CA SER D 551 -17.31 15.88 -7.23
C SER D 551 -18.55 16.24 -8.04
N ARG D 552 -19.09 15.24 -8.74
CA ARG D 552 -20.26 15.48 -9.57
C ARG D 552 -20.81 14.15 -10.12
N LYS D 553 -22.14 14.00 -10.11
CA LYS D 553 -22.77 12.77 -10.61
C LYS D 553 -23.05 12.80 -12.11
N MET D 554 -22.01 12.73 -12.92
CA MET D 554 -22.16 12.74 -14.37
C MET D 554 -21.23 11.73 -15.02
N LYS D 555 -20.59 10.90 -14.21
CA LYS D 555 -19.69 9.89 -14.73
C LYS D 555 -20.42 8.57 -14.97
N PRO D 556 -20.71 8.24 -16.23
CA PRO D 556 -21.40 6.98 -16.55
C PRO D 556 -20.50 5.79 -16.24
N LYS D 557 -21.11 4.72 -15.77
CA LYS D 557 -20.38 3.51 -15.44
C LYS D 557 -21.24 2.31 -15.76
N PRO D 558 -20.64 1.26 -16.34
CA PRO D 558 -21.31 0.02 -16.73
C PRO D 558 -21.88 -0.71 -15.52
N VAL D 559 -23.02 -1.35 -15.73
CA VAL D 559 -23.70 -2.11 -14.68
C VAL D 559 -24.36 -3.34 -15.30
N GLN D 560 -23.99 -4.53 -14.81
CA GLN D 560 -24.56 -5.77 -15.33
C GLN D 560 -26.00 -5.89 -14.84
N VAL D 561 -26.95 -5.97 -15.77
CA VAL D 561 -28.36 -6.08 -15.45
C VAL D 561 -28.90 -7.24 -16.28
N PRO D 562 -30.13 -7.69 -16.01
CA PRO D 562 -30.65 -8.79 -16.81
C PRO D 562 -30.36 -8.74 -18.31
N GLY D 563 -30.84 -7.81 -19.10
CA GLY D 563 -30.48 -7.89 -20.51
C GLY D 563 -28.99 -7.96 -20.88
N GLY D 564 -28.19 -7.13 -20.22
CA GLY D 564 -26.76 -7.11 -20.49
C GLY D 564 -26.15 -6.01 -19.66
N VAL D 565 -25.60 -5.01 -20.34
CA VAL D 565 -25.00 -3.89 -19.62
C VAL D 565 -25.72 -2.57 -19.92
N VAL D 566 -25.80 -1.73 -18.91
CA VAL D 566 -26.44 -0.42 -19.05
C VAL D 566 -25.51 0.59 -18.36
N LEU D 567 -25.50 1.82 -18.85
CA LEU D 567 -24.64 2.84 -18.26
C LEU D 567 -25.43 3.69 -17.29
N VAL D 568 -24.89 3.84 -16.09
CA VAL D 568 -25.54 4.65 -15.06
C VAL D 568 -24.57 5.75 -14.64
N ASP D 569 -25.11 6.82 -14.05
CA ASP D 569 -24.28 7.93 -13.61
C ASP D 569 -23.77 7.65 -12.20
N ASP D 570 -22.46 7.80 -12.01
CA ASP D 570 -21.87 7.60 -10.70
C ASP D 570 -21.03 8.81 -10.34
N THR D 571 -21.09 9.18 -9.07
CA THR D 571 -20.36 10.34 -8.55
C THR D 571 -18.85 10.24 -8.71
N PHE D 572 -18.29 11.18 -9.46
CA PHE D 572 -16.85 11.25 -9.67
C PHE D 572 -16.32 12.27 -8.68
N THR D 573 -15.27 11.92 -7.95
CA THR D 573 -14.72 12.83 -6.96
C THR D 573 -13.21 12.85 -6.97
N ILE D 574 -12.64 14.05 -6.90
CA ILE D 574 -11.20 14.23 -6.87
C ILE D 574 -10.77 14.11 -5.42
N LYS D 575 -10.16 12.98 -5.09
CA LYS D 575 -9.70 12.71 -3.73
C LYS D 575 -8.18 12.71 -3.68
#